data_7ENR
#
_entry.id   7ENR
#
_cell.length_a   173.800
_cell.length_b   173.800
_cell.length_c   185.894
_cell.angle_alpha   90.000
_cell.angle_beta   90.000
_cell.angle_gamma   120.000
#
_symmetry.space_group_name_H-M   'H 3'
#
loop_
_entity.id
_entity.type
_entity.pdbx_description
1 polymer 'CRISPR-associated endonuclease Cas9'
2 polymer 'sgRNA (98-MER)'
3 polymer AcrIIA14
#
loop_
_entity_poly.entity_id
_entity_poly.type
_entity_poly.pdbx_seq_one_letter_code
_entity_poly.pdbx_strand_id
1 'polypeptide(L)'
;MKRNYILGLDIGITSVGYGIIDYETRDVIDAGVRLFKEANVENNEGRRSKRGARRLKRRRRHRIQRVKKLLFDYNLLTDH
SELSGINPYEARVKGLSQKLSEEEFSAALLHLAKRRGVHNVNEVEEDTGNELSTKEQISRNSKALEEKYVAELQLERLKK
DGEVRGSINRFKTSDYVKEAKQLLKVQKAYHQLDQSFIDTYIDLLETRRTYYEGPGEGSPFGWKDIKEWYEMLMGHCTYF
PEELRSVKYAYNADLYNALNDLNNLVITRDENEKLEYYEKFQIIENVFKQKKKPTLKQIAKEILVNEEDIKGYRVTSTGK
PEFTNLKVYHDIKDITARKEIIENAELLDQIAKILTIYQSSEDIQEELTNLNSELTQEEIEQISNLKGYTGTHNLSLKAI
NLILDELWHTNDNQIAIFNRLKLVPKKVDLSQQKEIPTTLVDDFILSPVVKRSFIQSIKVINAIIKKYGLPNDIIIELAR
EKNSKDAQKMINEMQKRNRQTNERIEEIIRTTGKENAKYLIEKIKLHDMQEGKCLYSLEAIPLEDLLNNPFNYEVDHIIP
RSVSFDNSFNNKVLVKQEENSKKGNRTPFQYLSSSDSKISYETFKKHILNLAKGKGRISKTKKEYLLEERDINRFSVQKD
FINRNLVDTRYATRGLMNLLRSYFRVNNLDVKVKSINGGFTSFLRRKWKFKKERNKGYKHHAEDALIIANADFIFKEWKK
LDKAKKVMENQMFEEKQAESMPEIETEQEYKEIFITPHQIKHIKDFKDYKYSHRVDKKPNRELINDTLYSTRKDDKGNTL
IVNNLNGLYDKDNDKLKKLINKSPEKLLMYHHDPQTYQKLKLIMEQYGDEKNPLYKYYEETGNYLTKYSKKDNGPVIKKI
KYYGNKLNAHLDITDDYPNSRNKVVKLSLKPYRFDVYLDNGVYKFVTVKNLDVIKKENYYEVNSKCYEEAKKLKKISNQA
EFIASFYNNDLIKINGELYRVIGVNNDLLNRIEVNMIDITYREYLENMNDKRPPRIIKTIASKTQSIKKYSTDILGNLYE
VKSKKHPQIIKKG
;
A
2 'polyribonucleotide'
;GGUCUGCUAUUUCUAUUUACGUUUUAGUACUCUGGAAACAGAAUCUACUAAAACAAGGCAAAAUGCCGUGUUUAUCUCGU
CAACUUGUUGGCGAGAUC
;
B
3 'polypeptide(L)'
;MKSVKYISNMSKQEKGYRVYVNVVNEDTDKGFLFPSVPKEVIENDKIDELFNFEHHKPYVQKAKSRYDKNGIGYKIVQLD
EGFQKFIELNKEKMKENLDY
;
C
#
# COMPACT_ATOMS: atom_id res chain seq x y z
N LYS A 2 7.42 -39.47 -1.45
CA LYS A 2 6.19 -38.89 -2.00
C LYS A 2 5.12 -38.72 -0.93
N ARG A 3 5.55 -38.82 0.35
CA ARG A 3 4.62 -38.73 1.45
C ARG A 3 3.85 -37.40 1.44
N ASN A 4 2.53 -37.50 1.53
CA ASN A 4 1.69 -36.29 1.55
C ASN A 4 2.04 -35.44 2.76
N TYR A 5 2.01 -34.13 2.57
CA TYR A 5 2.45 -33.20 3.60
C TYR A 5 1.48 -32.04 3.68
N ILE A 6 1.48 -31.40 4.85
CA ILE A 6 0.74 -30.17 5.06
C ILE A 6 1.72 -29.02 4.84
N LEU A 7 1.66 -28.42 3.66
CA LEU A 7 2.56 -27.32 3.32
C LEU A 7 2.11 -26.04 4.01
N GLY A 8 3.06 -25.35 4.65
CA GLY A 8 2.75 -24.11 5.32
C GLY A 8 3.59 -22.96 4.80
N LEU A 9 2.95 -21.85 4.47
CA LEU A 9 3.62 -20.69 3.89
C LEU A 9 3.39 -19.46 4.74
N ASP A 10 4.46 -18.72 5.00
CA ASP A 10 4.40 -17.40 5.61
C ASP A 10 4.96 -16.41 4.61
N ILE A 11 4.14 -15.46 4.17
CA ILE A 11 4.49 -14.55 3.08
C ILE A 11 4.69 -13.16 3.69
N GLY A 12 5.91 -12.65 3.57
CA GLY A 12 6.23 -11.32 4.06
C GLY A 12 6.66 -10.39 2.94
N ILE A 13 7.32 -9.29 3.31
CA ILE A 13 7.80 -8.34 2.30
C ILE A 13 9.21 -8.67 1.82
N THR A 14 9.98 -9.43 2.59
CA THR A 14 11.33 -9.81 2.21
C THR A 14 11.59 -11.30 2.34
N SER A 15 10.60 -12.10 2.71
CA SER A 15 10.82 -13.52 2.95
C SER A 15 9.56 -14.31 2.61
N VAL A 16 9.78 -15.55 2.17
CA VAL A 16 8.73 -16.55 1.98
C VAL A 16 9.19 -17.80 2.71
N GLY A 17 8.58 -18.08 3.85
CA GLY A 17 8.95 -19.23 4.65
C GLY A 17 8.03 -20.40 4.36
N TYR A 18 8.63 -21.56 4.11
CA TYR A 18 7.87 -22.76 3.81
C TYR A 18 8.23 -23.85 4.80
N GLY A 19 7.20 -24.62 5.19
CA GLY A 19 7.36 -25.74 6.09
C GLY A 19 6.64 -26.98 5.58
N ILE A 20 7.37 -28.09 5.47
CA ILE A 20 6.85 -29.35 4.96
C ILE A 20 6.75 -30.30 6.15
N ILE A 21 5.54 -30.68 6.52
CA ILE A 21 5.28 -31.53 7.69
C ILE A 21 4.52 -32.76 7.23
N ASP A 22 4.96 -33.92 7.71
CA ASP A 22 4.31 -35.19 7.36
C ASP A 22 2.84 -35.17 7.75
N TYR A 23 2.00 -35.81 6.93
CA TYR A 23 0.56 -35.68 7.08
C TYR A 23 0.03 -36.52 8.24
N GLU A 24 0.52 -37.75 8.39
CA GLU A 24 -0.05 -38.68 9.34
C GLU A 24 0.87 -39.00 10.51
N THR A 25 2.08 -38.43 10.56
CA THR A 25 2.98 -38.65 11.68
C THR A 25 3.43 -37.36 12.35
N ARG A 26 3.03 -36.21 11.83
CA ARG A 26 3.24 -34.89 12.45
C ARG A 26 4.71 -34.51 12.56
N ASP A 27 5.61 -35.29 11.99
CA ASP A 27 7.02 -34.93 12.03
C ASP A 27 7.35 -33.91 10.95
N VAL A 28 8.45 -33.19 11.16
CA VAL A 28 8.87 -32.13 10.25
C VAL A 28 9.70 -32.74 9.13
N ILE A 29 9.18 -32.67 7.91
CA ILE A 29 9.95 -33.15 6.76
C ILE A 29 11.04 -32.17 6.39
N ASP A 30 10.70 -30.88 6.31
CA ASP A 30 11.66 -29.87 5.91
C ASP A 30 11.14 -28.49 6.29
N ALA A 31 12.02 -27.50 6.19
CA ALA A 31 11.65 -26.11 6.47
C ALA A 31 12.72 -25.20 5.89
N GLY A 32 12.29 -24.15 5.18
CA GLY A 32 13.22 -23.24 4.55
C GLY A 32 12.64 -21.85 4.40
N VAL A 33 13.52 -20.93 3.98
CA VAL A 33 13.15 -19.53 3.77
C VAL A 33 13.77 -19.07 2.45
N ARG A 34 12.93 -18.51 1.58
CA ARG A 34 13.37 -17.88 0.35
C ARG A 34 13.39 -16.37 0.56
N LEU A 35 14.48 -15.72 0.18
CA LEU A 35 14.68 -14.31 0.45
C LEU A 35 14.74 -13.51 -0.85
N PHE A 36 14.41 -12.23 -0.74
CA PHE A 36 14.33 -11.32 -1.88
C PHE A 36 14.28 -9.90 -1.36
N LYS A 37 14.89 -8.99 -2.10
CA LYS A 37 14.83 -7.58 -1.73
C LYS A 37 13.40 -7.06 -1.85
N GLU A 38 13.05 -6.14 -0.97
CA GLU A 38 11.71 -5.55 -1.00
C GLU A 38 11.56 -4.70 -2.26
N ALA A 39 10.57 -5.03 -3.08
CA ALA A 39 10.27 -4.21 -4.24
C ALA A 39 9.76 -2.83 -3.80
N ASN A 40 9.94 -1.84 -4.66
CA ASN A 40 9.56 -0.47 -4.32
C ASN A 40 9.14 0.28 -5.58
N VAL A 41 8.03 1.00 -5.47
CA VAL A 41 7.54 1.79 -6.60
C VAL A 41 8.37 3.04 -6.85
N GLU A 42 9.24 3.41 -5.91
CA GLU A 42 10.02 4.62 -6.07
C GLU A 42 11.06 4.47 -7.18
N ASN A 43 11.65 3.27 -7.31
CA ASN A 43 12.61 3.05 -8.38
C ASN A 43 11.96 3.22 -9.75
N ASN A 44 10.81 2.57 -9.96
CA ASN A 44 10.11 2.70 -11.23
C ASN A 44 9.65 4.15 -11.45
N GLU A 45 9.23 4.83 -10.38
CA GLU A 45 8.79 6.21 -10.52
C GLU A 45 9.93 7.10 -10.98
N GLY A 46 11.11 6.92 -10.38
CA GLY A 46 12.26 7.69 -10.82
C GLY A 46 12.67 7.37 -12.24
N ARG A 47 12.65 6.08 -12.60
CA ARG A 47 12.98 5.72 -13.98
C ARG A 47 12.00 6.36 -14.95
N ARG A 48 10.72 6.37 -14.61
CA ARG A 48 9.70 6.96 -15.48
C ARG A 48 9.89 8.47 -15.59
N SER A 49 10.15 9.14 -14.47
CA SER A 49 10.36 10.58 -14.51
C SER A 49 11.58 10.94 -15.35
N LYS A 50 12.66 10.18 -15.21
CA LYS A 50 13.86 10.46 -15.99
C LYS A 50 13.65 10.14 -17.47
N ARG A 51 12.88 9.10 -17.77
CA ARG A 51 12.54 8.81 -19.15
C ARG A 51 11.74 9.96 -19.77
N GLY A 52 10.79 10.51 -19.01
CA GLY A 52 10.03 11.64 -19.49
C GLY A 52 10.90 12.88 -19.69
N ALA A 53 11.83 13.11 -18.76
CA ALA A 53 12.73 14.24 -18.92
C ALA A 53 13.61 14.09 -20.15
N ARG A 54 14.13 12.89 -20.40
CA ARG A 54 14.90 12.64 -21.62
C ARG A 54 14.04 12.88 -22.85
N ARG A 55 12.78 12.44 -22.81
CA ARG A 55 11.87 12.68 -23.93
C ARG A 55 11.72 14.17 -24.19
N LEU A 56 11.50 14.95 -23.14
CA LEU A 56 11.31 16.39 -23.31
C LEU A 56 12.56 17.04 -23.89
N LYS A 57 13.73 16.72 -23.33
CA LYS A 57 14.97 17.32 -23.80
C LYS A 57 15.24 16.95 -25.25
N ARG A 58 15.09 15.67 -25.59
CA ARG A 58 15.34 15.24 -26.97
C ARG A 58 14.35 15.88 -27.93
N ARG A 59 13.08 16.02 -27.51
CA ARG A 59 12.10 16.63 -28.38
C ARG A 59 12.42 18.10 -28.65
N ARG A 60 12.82 18.84 -27.61
CA ARG A 60 13.18 20.24 -27.80
C ARG A 60 14.41 20.35 -28.70
N ARG A 61 15.42 19.52 -28.47
CA ARG A 61 16.63 19.57 -29.28
CA ARG A 61 16.63 19.57 -29.28
C ARG A 61 16.33 19.22 -30.73
N HIS A 62 15.46 18.23 -30.96
CA HIS A 62 15.14 17.83 -32.32
C HIS A 62 14.29 18.88 -33.02
N ARG A 63 13.41 19.56 -32.28
CA ARG A 63 12.68 20.68 -32.84
C ARG A 63 13.63 21.79 -33.28
N ILE A 64 14.64 22.07 -32.46
CA ILE A 64 15.63 23.07 -32.82
C ILE A 64 16.43 22.62 -34.05
N GLN A 65 16.81 21.34 -34.11
CA GLN A 65 17.53 20.84 -35.27
C GLN A 65 16.69 20.92 -36.54
N ARG A 66 15.38 20.69 -36.41
CA ARG A 66 14.49 20.79 -37.57
C ARG A 66 14.36 22.22 -38.04
N VAL A 67 14.26 23.17 -37.11
CA VAL A 67 14.27 24.59 -37.49
C VAL A 67 15.59 24.93 -38.18
N LYS A 68 16.68 24.34 -37.71
CA LYS A 68 17.98 24.57 -38.34
C LYS A 68 18.00 24.05 -39.77
N LYS A 69 17.47 22.86 -40.00
CA LYS A 69 17.40 22.33 -41.36
C LYS A 69 16.53 23.22 -42.24
N LEU A 70 15.42 23.73 -41.69
CA LEU A 70 14.55 24.62 -42.45
C LEU A 70 15.28 25.90 -42.84
N LEU A 71 16.01 26.49 -41.89
CA LEU A 71 16.75 27.72 -42.19
C LEU A 71 17.89 27.46 -43.18
N PHE A 72 18.47 26.26 -43.15
CA PHE A 72 19.49 25.92 -44.12
C PHE A 72 18.88 25.71 -45.50
N ASP A 73 17.62 25.29 -45.56
CA ASP A 73 16.96 25.10 -46.86
C ASP A 73 16.74 26.44 -47.56
N TYR A 74 16.03 27.36 -46.92
CA TYR A 74 15.69 28.65 -47.52
C TYR A 74 16.84 29.65 -47.49
N ASN A 75 18.07 29.18 -47.22
CA ASN A 75 19.27 30.02 -47.25
CA ASN A 75 19.27 30.02 -47.25
C ASN A 75 19.19 31.18 -46.26
N LEU A 76 18.41 31.02 -45.19
CA LEU A 76 18.42 32.02 -44.13
C LEU A 76 19.68 31.89 -43.29
N LEU A 77 20.37 30.75 -43.36
CA LEU A 77 21.71 30.58 -42.83
C LEU A 77 22.52 29.73 -43.79
N THR A 78 23.81 29.63 -43.51
CA THR A 78 24.71 28.74 -44.24
C THR A 78 25.58 28.03 -43.22
N ASP A 79 26.45 27.15 -43.71
CA ASP A 79 27.41 26.46 -42.85
C ASP A 79 28.62 27.32 -42.50
N HIS A 80 28.57 28.62 -42.82
CA HIS A 80 29.67 29.54 -42.53
C HIS A 80 29.24 30.74 -41.71
N SER A 81 27.98 30.81 -41.29
CA SER A 81 27.51 31.96 -40.54
C SER A 81 28.04 31.91 -39.11
N GLU A 82 27.75 32.97 -38.34
CA GLU A 82 28.19 33.07 -36.96
C GLU A 82 27.26 34.02 -36.23
N LEU A 83 26.86 33.65 -35.02
CA LEU A 83 25.95 34.44 -34.19
C LEU A 83 26.54 34.65 -32.80
N SER A 84 27.86 34.85 -32.74
CA SER A 84 28.53 34.91 -31.44
C SER A 84 28.07 36.10 -30.63
N GLY A 85 28.03 37.29 -31.24
CA GLY A 85 27.66 38.49 -30.55
C GLY A 85 26.20 38.87 -30.63
N ILE A 86 25.34 38.01 -31.19
CA ILE A 86 23.94 38.33 -31.38
C ILE A 86 23.19 38.06 -30.07
N ASN A 87 22.63 39.11 -29.48
CA ASN A 87 21.73 38.98 -28.35
C ASN A 87 20.32 38.78 -28.90
N PRO A 88 19.75 37.58 -28.83
CA PRO A 88 18.49 37.32 -29.55
C PRO A 88 17.34 38.20 -29.11
N TYR A 89 17.35 38.70 -27.87
CA TYR A 89 16.24 39.54 -27.41
C TYR A 89 16.20 40.87 -28.17
N GLU A 90 17.35 41.53 -28.32
CA GLU A 90 17.39 42.82 -28.99
C GLU A 90 17.00 42.69 -30.46
N ALA A 91 17.58 41.70 -31.16
CA ALA A 91 17.22 41.48 -32.55
C ALA A 91 15.77 41.08 -32.70
N ARG A 92 15.21 40.36 -31.72
CA ARG A 92 13.83 39.94 -31.81
C ARG A 92 12.88 41.11 -31.65
N VAL A 93 13.20 42.04 -30.75
CA VAL A 93 12.36 43.23 -30.64
C VAL A 93 12.58 44.15 -31.84
N LYS A 94 13.76 44.10 -32.46
CA LYS A 94 14.04 44.94 -33.62
C LYS A 94 13.33 44.43 -34.88
N GLY A 95 13.12 43.13 -34.99
CA GLY A 95 12.43 42.57 -36.14
C GLY A 95 10.98 42.98 -36.24
N LEU A 96 10.39 43.45 -35.14
CA LEU A 96 9.00 43.86 -35.18
C LEU A 96 8.79 45.18 -35.92
N SER A 97 9.86 45.96 -36.12
CA SER A 97 9.73 47.27 -36.75
C SER A 97 10.78 47.58 -37.81
N GLN A 98 11.87 46.82 -37.92
CA GLN A 98 12.93 47.13 -38.89
C GLN A 98 13.35 45.85 -39.58
N LYS A 99 14.43 45.95 -40.36
CA LYS A 99 14.98 44.83 -41.10
C LYS A 99 15.97 44.06 -40.23
N LEU A 100 15.93 42.74 -40.34
CA LEU A 100 16.88 41.87 -39.67
C LEU A 100 17.78 41.21 -40.70
N SER A 101 19.08 41.19 -40.42
CA SER A 101 20.00 40.44 -41.25
C SER A 101 19.74 38.95 -41.08
N GLU A 102 20.29 38.16 -42.01
CA GLU A 102 20.15 36.70 -41.92
C GLU A 102 20.65 36.20 -40.57
N GLU A 103 21.84 36.66 -40.16
CA GLU A 103 22.40 36.24 -38.88
C GLU A 103 21.55 36.74 -37.71
N GLU A 104 21.04 37.97 -37.80
CA GLU A 104 20.17 38.48 -36.74
C GLU A 104 18.81 37.79 -36.75
N PHE A 105 18.32 37.41 -37.93
CA PHE A 105 17.03 36.75 -38.03
C PHE A 105 17.07 35.35 -37.45
N SER A 106 17.96 34.50 -37.96
CA SER A 106 17.94 33.10 -37.58
C SER A 106 18.20 32.89 -36.10
N ALA A 107 18.98 33.79 -35.48
CA ALA A 107 19.20 33.67 -34.04
C ALA A 107 17.92 33.89 -33.27
N ALA A 108 17.14 34.92 -33.64
CA ALA A 108 15.86 35.15 -32.98
C ALA A 108 14.90 34.00 -33.22
N LEU A 109 14.94 33.42 -34.43
CA LEU A 109 14.08 32.27 -34.72
C LEU A 109 14.45 31.07 -33.86
N LEU A 110 15.74 30.78 -33.72
CA LEU A 110 16.16 29.68 -32.87
C LEU A 110 15.81 29.93 -31.41
N HIS A 111 16.05 31.16 -30.94
CA HIS A 111 15.74 31.49 -29.56
C HIS A 111 14.24 31.42 -29.30
N LEU A 112 13.41 31.68 -30.31
CA LEU A 112 11.99 31.46 -30.16
C LEU A 112 11.67 29.97 -30.11
N ALA A 113 12.29 29.18 -30.98
CA ALA A 113 12.02 27.74 -31.03
C ALA A 113 12.51 27.01 -29.79
N LYS A 114 13.44 27.60 -29.03
CA LYS A 114 13.92 26.95 -27.81
C LYS A 114 12.84 26.94 -26.73
N ARG A 115 12.30 28.12 -26.41
CA ARG A 115 11.27 28.27 -25.38
C ARG A 115 10.02 28.84 -26.04
N ARG A 116 8.95 28.04 -26.10
CA ARG A 116 7.78 28.38 -26.89
C ARG A 116 6.48 28.42 -26.08
N GLY A 117 6.56 28.41 -24.75
CA GLY A 117 5.36 28.55 -23.95
C GLY A 117 4.53 27.28 -23.82
N VAL A 118 3.29 27.46 -23.36
CA VAL A 118 2.39 26.36 -23.06
C VAL A 118 1.17 26.44 -23.96
N HIS A 119 0.73 25.28 -24.44
CA HIS A 119 -0.48 25.21 -25.25
C HIS A 119 -1.73 25.27 -24.37
N ASN A 120 -1.89 24.27 -23.51
CA ASN A 120 -3.08 24.15 -22.65
C ASN A 120 -2.71 24.52 -21.23
N VAL A 121 -3.34 25.57 -20.71
CA VAL A 121 -3.04 26.07 -19.37
C VAL A 121 -3.61 25.17 -18.28
N ASN A 122 -4.49 24.23 -18.65
CA ASN A 122 -5.17 23.41 -17.64
C ASN A 122 -4.21 22.47 -16.93
N GLU A 123 -3.37 21.76 -17.69
CA GLU A 123 -2.47 20.77 -17.10
C GLU A 123 -1.26 21.46 -16.48
N VAL A 124 -1.09 21.27 -15.17
CA VAL A 124 0.01 21.90 -14.44
C VAL A 124 0.28 21.10 -13.18
N GLU A 125 1.55 21.06 -12.78
CA GLU A 125 1.98 20.37 -11.58
C GLU A 125 2.00 21.33 -10.39
N GLU A 126 2.36 20.79 -9.22
CA GLU A 126 2.44 21.55 -7.98
C GLU A 126 3.88 21.83 -7.58
N ASP A 127 4.82 21.71 -8.53
CA ASP A 127 6.24 21.91 -8.25
C ASP A 127 6.57 23.40 -8.28
N THR A 128 5.98 24.13 -7.33
CA THR A 128 6.16 25.58 -7.21
C THR A 128 6.55 25.91 -5.78
N GLY A 129 7.85 25.82 -5.48
CA GLY A 129 8.35 26.37 -4.23
C GLY A 129 8.29 27.89 -4.23
N ASN A 130 8.68 28.51 -5.35
CA ASN A 130 8.35 29.91 -5.63
C ASN A 130 6.84 30.02 -5.67
N GLU A 131 6.25 30.81 -4.77
CA GLU A 131 4.81 30.74 -4.54
C GLU A 131 4.08 31.39 -5.71
N LEU A 132 3.80 30.59 -6.73
CA LEU A 132 3.22 31.11 -7.97
C LEU A 132 2.61 29.96 -8.74
N SER A 133 1.28 30.00 -8.92
CA SER A 133 0.63 29.08 -9.83
C SER A 133 1.07 29.34 -11.26
N THR A 134 1.29 28.26 -12.01
CA THR A 134 1.67 28.40 -13.42
C THR A 134 0.57 29.09 -14.19
N LYS A 135 -0.68 28.63 -14.03
CA LYS A 135 -1.81 29.28 -14.69
C LYS A 135 -1.92 30.73 -14.27
N GLU A 136 -1.78 31.02 -12.98
CA GLU A 136 -1.88 32.38 -12.49
C GLU A 136 -0.75 33.26 -13.02
N GLN A 137 0.48 32.73 -13.03
CA GLN A 137 1.61 33.49 -13.57
C GLN A 137 1.39 33.84 -15.04
N ILE A 138 0.95 32.85 -15.83
CA ILE A 138 0.73 33.10 -17.25
C ILE A 138 -0.40 34.11 -17.45
N SER A 139 -1.43 34.05 -16.60
CA SER A 139 -2.54 35.00 -16.72
C SER A 139 -2.09 36.42 -16.38
N ARG A 140 -1.27 36.59 -15.33
CA ARG A 140 -0.76 37.91 -15.00
C ARG A 140 0.14 38.45 -16.10
N ASN A 141 1.00 37.59 -16.66
CA ASN A 141 1.87 38.03 -17.75
C ASN A 141 1.07 38.44 -18.97
N SER A 142 0.04 37.66 -19.33
CA SER A 142 -0.80 38.02 -20.47
C SER A 142 -1.60 39.30 -20.20
N LYS A 143 -2.03 39.52 -18.95
CA LYS A 143 -2.67 40.78 -18.60
C LYS A 143 -1.70 41.95 -18.74
N ALA A 144 -0.43 41.74 -18.43
CA ALA A 144 0.59 42.73 -18.73
C ALA A 144 0.93 42.80 -20.21
N LEU A 145 0.44 41.85 -21.01
CA LEU A 145 0.70 41.79 -22.44
C LEU A 145 -0.51 42.19 -23.27
N GLU A 146 -1.37 43.05 -22.73
CA GLU A 146 -2.57 43.45 -23.47
C GLU A 146 -2.23 44.33 -24.66
N GLU A 147 -1.13 45.09 -24.59
CA GLU A 147 -0.69 45.93 -25.70
C GLU A 147 0.81 45.81 -25.92
N LYS A 148 1.37 44.61 -25.72
CA LYS A 148 2.81 44.39 -25.85
C LYS A 148 3.05 42.99 -26.40
N TYR A 149 4.18 42.83 -27.09
CA TYR A 149 4.65 41.52 -27.51
C TYR A 149 5.59 40.94 -26.47
N VAL A 150 5.80 39.62 -26.53
CA VAL A 150 6.64 38.95 -25.53
C VAL A 150 8.07 39.46 -25.61
N ALA A 151 8.55 39.76 -26.81
CA ALA A 151 9.90 40.28 -26.97
C ALA A 151 10.06 41.63 -26.28
N GLU A 152 9.07 42.51 -26.44
CA GLU A 152 9.11 43.81 -25.79
C GLU A 152 9.17 43.67 -24.27
N LEU A 153 8.33 42.80 -23.71
CA LEU A 153 8.30 42.61 -22.26
C LEU A 153 9.61 42.02 -21.75
N GLN A 154 10.14 41.01 -22.44
CA GLN A 154 11.40 40.41 -22.02
C GLN A 154 12.53 41.44 -22.04
N LEU A 155 12.63 42.22 -23.11
CA LEU A 155 13.73 43.17 -23.19
C LEU A 155 13.58 44.32 -22.21
N GLU A 156 12.34 44.77 -21.95
CA GLU A 156 12.16 45.85 -20.98
C GLU A 156 12.41 45.39 -19.56
N ARG A 157 12.10 44.12 -19.25
CA ARG A 157 12.47 43.58 -17.95
C ARG A 157 13.97 43.39 -17.83
N LEU A 158 14.64 43.02 -18.94
CA LEU A 158 16.10 42.93 -18.93
C LEU A 158 16.74 44.29 -18.71
N LYS A 159 16.18 45.33 -19.32
CA LYS A 159 16.72 46.67 -19.18
C LYS A 159 16.39 47.28 -17.82
N LYS A 160 15.26 46.93 -17.22
CA LYS A 160 14.89 47.50 -15.94
C LYS A 160 15.64 46.82 -14.79
N ASP A 161 15.45 45.51 -14.62
CA ASP A 161 16.08 44.78 -13.53
C ASP A 161 17.39 44.13 -13.97
N GLY A 162 17.32 43.27 -14.98
CA GLY A 162 18.50 42.52 -15.42
C GLY A 162 18.26 41.03 -15.50
N GLU A 163 17.05 40.60 -15.19
CA GLU A 163 16.68 39.19 -15.23
C GLU A 163 15.63 38.96 -16.32
N VAL A 164 15.80 37.87 -17.07
CA VAL A 164 14.83 37.40 -18.04
C VAL A 164 14.35 35.99 -17.71
N ARG A 165 15.29 35.08 -17.46
CA ARG A 165 14.96 33.72 -17.12
C ARG A 165 14.52 33.63 -15.66
N GLY A 166 13.70 32.63 -15.38
CA GLY A 166 13.19 32.41 -14.05
C GLY A 166 11.74 31.99 -14.11
N SER A 167 11.10 31.92 -12.94
CA SER A 167 9.70 31.53 -12.89
C SER A 167 8.76 32.61 -13.42
N ILE A 168 9.28 33.79 -13.76
CA ILE A 168 8.46 34.86 -14.32
C ILE A 168 8.42 34.81 -15.84
N ASN A 169 9.28 34.03 -16.48
CA ASN A 169 9.29 33.88 -17.92
C ASN A 169 8.26 32.87 -18.43
N ARG A 170 7.26 32.53 -17.61
CA ARG A 170 6.24 31.56 -17.98
C ARG A 170 5.18 32.25 -18.84
N PHE A 171 5.13 31.90 -20.13
CA PHE A 171 4.10 32.37 -21.03
C PHE A 171 3.38 31.17 -21.65
N LYS A 172 2.30 31.45 -22.36
CA LYS A 172 1.61 30.42 -23.13
C LYS A 172 1.96 30.58 -24.60
N THR A 173 1.92 29.45 -25.32
CA THR A 173 2.41 29.41 -26.70
C THR A 173 1.65 30.37 -27.58
N SER A 174 0.39 30.67 -27.25
CA SER A 174 -0.40 31.49 -28.15
C SER A 174 0.25 32.84 -28.37
N ASP A 175 0.82 33.44 -27.32
CA ASP A 175 1.41 34.76 -27.37
C ASP A 175 2.75 34.77 -28.12
N TYR A 176 3.60 33.79 -27.84
CA TYR A 176 4.82 33.64 -28.63
C TYR A 176 4.50 33.48 -30.11
N VAL A 177 3.44 32.72 -30.43
CA VAL A 177 3.07 32.53 -31.82
C VAL A 177 2.60 33.83 -32.44
N LYS A 178 1.83 34.63 -31.69
CA LYS A 178 1.42 35.93 -32.22
C LYS A 178 2.65 36.80 -32.51
N GLU A 179 3.62 36.80 -31.60
CA GLU A 179 4.81 37.63 -31.80
C GLU A 179 5.60 37.17 -33.01
N ALA A 180 5.79 35.85 -33.16
CA ALA A 180 6.51 35.33 -34.31
C ALA A 180 5.77 35.62 -35.60
N LYS A 181 4.44 35.59 -35.56
CA LYS A 181 3.65 35.88 -36.75
C LYS A 181 3.80 37.34 -37.18
N GLN A 182 3.76 38.27 -36.22
CA GLN A 182 3.96 39.68 -36.57
C GLN A 182 5.38 39.92 -37.10
N LEU A 183 6.38 39.28 -36.47
CA LEU A 183 7.75 39.39 -36.94
C LEU A 183 7.89 38.90 -38.38
N LEU A 184 7.34 37.70 -38.67
CA LEU A 184 7.37 37.18 -40.03
C LEU A 184 6.61 38.10 -40.98
N LYS A 185 5.48 38.66 -40.53
CA LYS A 185 4.68 39.58 -41.33
C LYS A 185 5.53 40.73 -41.87
N VAL A 186 6.14 41.49 -40.97
CA VAL A 186 6.90 42.65 -41.44
C VAL A 186 8.23 42.22 -42.09
N GLN A 187 8.84 41.12 -41.62
CA GLN A 187 10.13 40.66 -42.12
C GLN A 187 10.03 39.97 -43.47
N LYS A 188 8.81 39.64 -43.93
CA LYS A 188 8.67 38.92 -45.19
C LYS A 188 9.13 39.73 -46.40
N ALA A 189 9.15 41.07 -46.29
CA ALA A 189 9.36 41.89 -47.48
C ALA A 189 10.79 41.77 -48.02
N TYR A 190 11.78 41.72 -47.14
CA TYR A 190 13.17 41.84 -47.57
C TYR A 190 13.80 40.49 -47.90
N HIS A 191 13.46 39.45 -47.14
CA HIS A 191 13.96 38.10 -47.41
C HIS A 191 12.86 37.27 -48.06
N GLN A 192 13.22 36.60 -49.15
CA GLN A 192 12.26 35.81 -49.91
C GLN A 192 11.82 34.62 -49.07
N LEU A 193 10.61 34.69 -48.52
CA LEU A 193 10.07 33.66 -47.66
C LEU A 193 8.70 33.26 -48.18
N ASP A 194 8.51 31.96 -48.41
CA ASP A 194 7.23 31.46 -48.89
C ASP A 194 6.19 31.48 -47.78
N GLN A 195 4.92 31.54 -48.18
CA GLN A 195 3.83 31.43 -47.21
C GLN A 195 3.86 30.05 -46.55
N SER A 196 4.16 29.01 -47.32
CA SER A 196 4.31 27.68 -46.76
C SER A 196 5.49 27.60 -45.80
N PHE A 197 6.54 28.39 -46.04
CA PHE A 197 7.66 28.44 -45.11
C PHE A 197 7.22 29.03 -43.77
N ILE A 198 6.48 30.14 -43.82
CA ILE A 198 5.96 30.75 -42.60
C ILE A 198 5.05 29.78 -41.86
N ASP A 199 4.21 29.06 -42.61
CA ASP A 199 3.33 28.08 -41.98
C ASP A 199 4.12 26.94 -41.36
N THR A 200 5.22 26.51 -42.01
CA THR A 200 6.04 25.44 -41.46
C THR A 200 6.71 25.88 -40.17
N TYR A 201 7.22 27.11 -40.13
CA TYR A 201 7.85 27.59 -38.91
C TYR A 201 6.83 27.74 -37.79
N ILE A 202 5.65 28.29 -38.09
CA ILE A 202 4.62 28.44 -37.07
C ILE A 202 4.20 27.07 -36.55
N ASP A 203 4.08 26.08 -37.45
CA ASP A 203 3.78 24.72 -37.04
C ASP A 203 4.85 24.20 -36.09
N LEU A 204 6.11 24.28 -36.49
CA LEU A 204 7.21 23.87 -35.62
C LEU A 204 7.21 24.61 -34.29
N LEU A 205 6.62 25.81 -34.25
CA LEU A 205 6.57 26.56 -33.00
C LEU A 205 5.48 26.06 -32.06
N GLU A 206 4.26 25.90 -32.58
CA GLU A 206 3.08 25.61 -31.75
C GLU A 206 2.56 24.19 -31.96
N THR A 207 3.45 23.22 -32.12
CA THR A 207 3.07 21.82 -32.24
C THR A 207 3.75 21.01 -31.15
N ARG A 208 2.97 20.18 -30.46
CA ARG A 208 3.49 19.27 -29.46
C ARG A 208 2.65 18.01 -29.48
N ARG A 209 3.23 16.92 -28.99
CA ARG A 209 2.53 15.64 -28.95
C ARG A 209 1.34 15.71 -28.00
N THR A 210 0.19 15.20 -28.45
CA THR A 210 -0.96 15.06 -27.56
C THR A 210 -0.81 13.82 -26.71
N TYR A 211 -1.55 13.79 -25.60
CA TYR A 211 -1.35 12.72 -24.64
C TYR A 211 -1.90 11.37 -25.11
N TYR A 212 -2.62 11.34 -26.23
CA TYR A 212 -3.15 10.07 -26.71
C TYR A 212 -2.38 9.53 -27.92
N GLU A 213 -1.58 10.35 -28.59
CA GLU A 213 -0.77 9.85 -29.68
C GLU A 213 0.41 9.02 -29.17
N GLY A 214 1.01 9.44 -28.05
CA GLY A 214 2.14 8.73 -27.49
C GLY A 214 3.40 8.88 -28.31
N PRO A 215 4.41 8.06 -28.01
CA PRO A 215 5.65 8.12 -28.78
C PRO A 215 5.45 7.66 -30.22
N GLY A 216 6.43 8.00 -31.06
CA GLY A 216 6.37 7.70 -32.47
C GLY A 216 6.63 6.24 -32.79
N GLU A 217 7.15 6.00 -33.99
CA GLU A 217 7.39 4.64 -34.43
C GLU A 217 8.62 4.05 -33.75
N GLY A 218 8.63 2.72 -33.63
CA GLY A 218 9.72 2.01 -33.02
C GLY A 218 9.67 1.90 -31.51
N SER A 219 8.90 2.75 -30.84
CA SER A 219 8.83 2.73 -29.38
C SER A 219 8.03 1.53 -28.90
N PRO A 220 8.57 0.71 -28.00
CA PRO A 220 7.77 -0.39 -27.44
C PRO A 220 6.59 0.08 -26.60
N PHE A 221 6.62 1.32 -26.12
CA PHE A 221 5.54 1.87 -25.31
C PHE A 221 4.46 2.56 -26.12
N GLY A 222 4.66 2.72 -27.43
CA GLY A 222 3.70 3.41 -28.27
C GLY A 222 2.56 2.52 -28.72
N TRP A 223 1.88 2.98 -29.77
CA TRP A 223 0.73 2.28 -30.31
C TRP A 223 0.53 2.72 -31.75
N LYS A 224 -0.62 2.38 -32.32
CA LYS A 224 -0.95 2.73 -33.70
C LYS A 224 -2.09 3.73 -33.81
N ASP A 225 -3.23 3.46 -33.19
CA ASP A 225 -4.40 4.32 -33.29
C ASP A 225 -5.04 4.45 -31.91
N ILE A 226 -6.24 5.03 -31.88
CA ILE A 226 -6.91 5.29 -30.61
C ILE A 226 -7.31 3.98 -29.92
N LYS A 227 -7.70 2.98 -30.71
CA LYS A 227 -8.14 1.71 -30.13
C LYS A 227 -7.01 1.03 -29.35
N GLU A 228 -5.79 1.04 -29.89
CA GLU A 228 -4.68 0.39 -29.21
C GLU A 228 -4.33 1.09 -27.91
N TRP A 229 -4.27 2.43 -27.93
CA TRP A 229 -3.99 3.17 -26.71
C TRP A 229 -5.08 2.94 -25.68
N TYR A 230 -6.33 2.88 -26.11
CA TYR A 230 -7.46 2.66 -25.20
C TYR A 230 -7.36 1.28 -24.56
N GLU A 231 -7.08 0.26 -25.37
CA GLU A 231 -6.92 -1.09 -24.84
C GLU A 231 -5.75 -1.18 -23.89
N MET A 232 -4.65 -0.48 -24.19
CA MET A 232 -3.49 -0.50 -23.31
C MET A 232 -3.79 0.19 -21.98
N LEU A 233 -4.49 1.31 -22.02
CA LEU A 233 -4.79 2.03 -20.78
C LEU A 233 -5.74 1.22 -19.90
N MET A 234 -6.80 0.67 -20.49
CA MET A 234 -7.75 -0.06 -19.66
C MET A 234 -7.28 -1.47 -19.34
N GLY A 235 -6.78 -2.19 -20.35
CA GLY A 235 -6.32 -3.55 -20.13
C GLY A 235 -7.42 -4.58 -20.21
N HIS A 236 -7.09 -5.77 -20.69
CA HIS A 236 -8.07 -6.84 -20.80
C HIS A 236 -8.53 -7.26 -19.41
N CYS A 237 -9.79 -7.69 -19.33
CA CYS A 237 -10.32 -8.18 -18.07
C CYS A 237 -9.63 -9.48 -17.67
N THR A 238 -9.47 -9.68 -16.36
CA THR A 238 -8.82 -10.88 -15.87
C THR A 238 -9.60 -12.13 -16.23
N TYR A 239 -10.93 -12.03 -16.26
CA TYR A 239 -11.79 -13.17 -16.58
C TYR A 239 -12.13 -13.23 -18.07
N PHE A 240 -12.57 -12.11 -18.65
CA PHE A 240 -12.94 -12.06 -20.05
C PHE A 240 -11.78 -11.52 -20.87
N PRO A 241 -11.11 -12.33 -21.69
CA PRO A 241 -10.01 -11.80 -22.50
C PRO A 241 -10.45 -10.82 -23.56
N GLU A 242 -11.67 -10.95 -24.08
CA GLU A 242 -12.11 -10.08 -25.16
C GLU A 242 -12.59 -8.72 -24.67
N GLU A 243 -13.17 -8.65 -23.47
CA GLU A 243 -13.74 -7.43 -22.95
C GLU A 243 -12.74 -6.71 -22.04
N LEU A 244 -12.51 -5.43 -22.32
CA LEU A 244 -11.59 -4.61 -21.55
C LEU A 244 -12.24 -4.12 -20.26
N ARG A 245 -11.40 -3.73 -19.31
CA ARG A 245 -11.89 -3.32 -18.00
C ARG A 245 -12.68 -2.02 -18.08
N SER A 246 -13.57 -1.82 -17.12
CA SER A 246 -14.36 -0.60 -17.05
C SER A 246 -13.67 0.45 -16.18
N VAL A 247 -14.16 1.69 -16.29
CA VAL A 247 -13.62 2.76 -15.47
C VAL A 247 -14.04 2.55 -14.01
N LYS A 248 -13.16 2.95 -13.10
CA LYS A 248 -13.43 2.73 -11.67
C LYS A 248 -14.65 3.49 -11.20
N TYR A 249 -14.89 4.68 -11.76
CA TYR A 249 -16.02 5.52 -11.37
C TYR A 249 -17.18 5.43 -12.36
N ALA A 250 -17.40 4.25 -12.94
CA ALA A 250 -18.53 4.05 -13.83
C ALA A 250 -19.83 4.01 -13.03
N TYR A 251 -20.95 3.90 -13.76
CA TYR A 251 -22.25 3.78 -13.10
C TYR A 251 -22.50 2.34 -12.63
N ASN A 252 -22.23 1.36 -13.51
CA ASN A 252 -22.47 -0.03 -13.13
C ASN A 252 -21.56 -0.45 -11.99
N ALA A 253 -20.30 -0.02 -12.01
CA ALA A 253 -19.38 -0.38 -10.92
C ALA A 253 -19.81 0.28 -9.61
N ASP A 254 -20.25 1.53 -9.66
CA ASP A 254 -20.74 2.21 -8.48
C ASP A 254 -21.96 1.48 -7.90
N LEU A 255 -22.89 1.10 -8.75
CA LEU A 255 -24.07 0.38 -8.28
C LEU A 255 -23.70 -0.99 -7.72
N TYR A 256 -22.73 -1.66 -8.34
CA TYR A 256 -22.27 -2.95 -7.87
C TYR A 256 -21.70 -2.84 -6.45
N ASN A 257 -20.82 -1.85 -6.24
CA ASN A 257 -20.25 -1.65 -4.91
C ASN A 257 -21.34 -1.26 -3.90
N ALA A 258 -22.29 -0.44 -4.32
CA ALA A 258 -23.36 -0.02 -3.40
C ALA A 258 -24.23 -1.20 -2.99
N LEU A 259 -24.58 -2.08 -3.94
CA LEU A 259 -25.41 -3.21 -3.58
C LEU A 259 -24.63 -4.25 -2.78
N ASN A 260 -23.31 -4.36 -3.00
CA ASN A 260 -22.50 -5.19 -2.13
C ASN A 260 -22.55 -4.67 -0.69
N ASP A 261 -22.33 -3.37 -0.52
CA ASP A 261 -22.47 -2.74 0.80
C ASP A 261 -23.83 -3.05 1.40
N LEU A 262 -24.90 -2.89 0.61
CA LEU A 262 -26.25 -3.11 1.12
C LEU A 262 -26.47 -4.56 1.53
N ASN A 263 -25.96 -5.51 0.73
CA ASN A 263 -26.12 -6.91 1.05
C ASN A 263 -25.29 -7.33 2.25
N ASN A 264 -24.28 -6.55 2.62
CA ASN A 264 -23.54 -6.82 3.85
C ASN A 264 -24.29 -6.37 5.10
N LEU A 265 -25.57 -6.01 5.01
CA LEU A 265 -26.31 -5.46 6.14
C LEU A 265 -26.92 -6.54 7.02
N VAL A 266 -27.12 -6.20 8.30
CA VAL A 266 -27.84 -7.03 9.26
C VAL A 266 -28.72 -6.12 10.10
N ILE A 267 -30.03 -6.34 10.03
CA ILE A 267 -31.01 -5.47 10.68
C ILE A 267 -31.83 -6.29 11.66
N THR A 268 -31.95 -5.81 12.89
CA THR A 268 -32.74 -6.46 13.92
C THR A 268 -34.18 -5.98 13.80
N ARG A 269 -34.96 -6.65 12.96
CA ARG A 269 -36.36 -6.33 12.75
C ARG A 269 -37.18 -7.60 12.82
N ASP A 270 -38.50 -7.44 12.93
CA ASP A 270 -39.41 -8.58 12.97
C ASP A 270 -39.58 -9.23 11.60
N GLU A 271 -38.98 -8.66 10.55
CA GLU A 271 -38.97 -9.23 9.23
C GLU A 271 -37.61 -9.91 8.99
N ASN A 272 -37.36 -10.31 7.75
CA ASN A 272 -36.09 -10.92 7.40
C ASN A 272 -34.93 -10.02 7.81
N GLU A 273 -33.89 -10.64 8.39
CA GLU A 273 -32.74 -9.88 8.88
C GLU A 273 -31.86 -9.37 7.75
N LYS A 274 -31.95 -9.97 6.56
CA LYS A 274 -31.22 -9.50 5.40
C LYS A 274 -32.06 -8.47 4.65
N LEU A 275 -31.62 -8.08 3.45
CA LEU A 275 -32.35 -7.13 2.63
C LEU A 275 -32.97 -7.86 1.44
N GLU A 276 -34.24 -7.58 1.18
CA GLU A 276 -34.97 -8.17 0.07
C GLU A 276 -34.78 -7.33 -1.20
N TYR A 277 -35.39 -7.78 -2.29
CA TYR A 277 -35.23 -7.10 -3.57
C TYR A 277 -35.97 -5.77 -3.57
N TYR A 278 -37.26 -5.79 -3.23
CA TYR A 278 -38.06 -4.57 -3.28
C TYR A 278 -37.50 -3.51 -2.32
N GLU A 279 -37.10 -3.94 -1.12
CA GLU A 279 -36.49 -3.00 -0.17
C GLU A 279 -35.22 -2.39 -0.76
N LYS A 280 -34.41 -3.20 -1.43
CA LYS A 280 -33.16 -2.69 -1.99
C LYS A 280 -33.44 -1.70 -3.12
N PHE A 281 -34.41 -1.99 -3.99
CA PHE A 281 -34.72 -1.05 -5.07
C PHE A 281 -35.31 0.23 -4.53
N GLN A 282 -36.16 0.13 -3.50
CA GLN A 282 -36.70 1.32 -2.85
C GLN A 282 -35.59 2.16 -2.23
N ILE A 283 -34.58 1.49 -1.68
CA ILE A 283 -33.43 2.21 -1.11
C ILE A 283 -32.65 2.93 -2.20
N ILE A 284 -32.40 2.24 -3.33
CA ILE A 284 -31.64 2.85 -4.41
C ILE A 284 -32.35 4.09 -4.94
N GLU A 285 -33.67 4.00 -5.14
CA GLU A 285 -34.38 5.14 -5.73
C GLU A 285 -34.56 6.26 -4.71
N ASN A 286 -34.98 5.94 -3.49
CA ASN A 286 -35.41 6.95 -2.54
C ASN A 286 -34.29 7.52 -1.68
N VAL A 287 -33.17 6.81 -1.55
CA VAL A 287 -32.06 7.25 -0.70
C VAL A 287 -30.78 7.45 -1.52
N PHE A 288 -30.38 6.45 -2.29
CA PHE A 288 -29.13 6.55 -3.04
C PHE A 288 -29.23 7.56 -4.17
N LYS A 289 -30.32 7.51 -4.95
CA LYS A 289 -30.51 8.44 -6.04
C LYS A 289 -30.96 9.81 -5.59
N GLN A 290 -31.21 10.02 -4.30
CA GLN A 290 -31.68 11.30 -3.79
C GLN A 290 -30.65 12.02 -2.92
N LYS A 291 -29.61 11.33 -2.45
CA LYS A 291 -28.58 11.96 -1.65
C LYS A 291 -27.22 11.48 -2.13
N LYS A 292 -26.24 12.40 -2.11
CA LYS A 292 -24.92 12.09 -2.65
C LYS A 292 -24.18 11.09 -1.76
N LYS A 293 -23.99 11.43 -0.50
CA LYS A 293 -23.29 10.55 0.44
C LYS A 293 -24.30 9.92 1.37
N PRO A 294 -24.59 8.64 1.26
CA PRO A 294 -25.63 8.03 2.10
C PRO A 294 -25.20 7.96 3.55
N THR A 295 -26.19 8.01 4.44
CA THR A 295 -25.97 7.87 5.86
C THR A 295 -26.78 6.68 6.38
N LEU A 296 -26.35 6.16 7.53
CA LEU A 296 -27.09 5.07 8.15
C LEU A 296 -28.48 5.53 8.58
N LYS A 297 -28.62 6.81 8.94
CA LYS A 297 -29.91 7.33 9.38
C LYS A 297 -30.95 7.27 8.28
N GLN A 298 -30.57 7.66 7.06
CA GLN A 298 -31.53 7.66 5.95
C GLN A 298 -31.97 6.26 5.61
N ILE A 299 -31.02 5.32 5.51
CA ILE A 299 -31.37 3.95 5.18
C ILE A 299 -32.19 3.33 6.30
N ALA A 300 -31.96 3.76 7.55
CA ALA A 300 -32.77 3.26 8.66
C ALA A 300 -34.20 3.76 8.57
N LYS A 301 -34.36 5.08 8.45
CA LYS A 301 -35.70 5.66 8.36
C LYS A 301 -36.42 5.26 7.08
N GLU A 302 -35.70 4.72 6.10
CA GLU A 302 -36.34 4.29 4.86
C GLU A 302 -37.33 3.15 5.10
N ILE A 303 -36.91 2.13 5.85
CA ILE A 303 -37.70 0.90 5.99
C ILE A 303 -38.32 0.83 7.39
N LEU A 304 -38.55 2.00 8.00
CA LEU A 304 -39.27 2.10 9.27
C LEU A 304 -38.59 1.31 10.38
N VAL A 305 -37.27 1.38 10.42
CA VAL A 305 -36.51 0.76 11.50
C VAL A 305 -35.70 1.83 12.21
N ASN A 306 -35.02 1.45 13.29
CA ASN A 306 -34.17 2.37 14.03
C ASN A 306 -32.71 2.13 13.62
N GLU A 307 -31.93 3.21 13.57
CA GLU A 307 -30.54 3.10 13.17
C GLU A 307 -29.74 2.26 14.17
N GLU A 308 -30.14 2.26 15.43
CA GLU A 308 -29.41 1.52 16.45
C GLU A 308 -29.60 0.02 16.30
N ASP A 309 -30.76 -0.39 15.77
CA ASP A 309 -31.03 -1.82 15.57
C ASP A 309 -30.23 -2.39 14.41
N ILE A 310 -29.72 -1.55 13.54
CA ILE A 310 -28.99 -2.00 12.35
C ILE A 310 -27.56 -2.35 12.74
N LYS A 311 -27.04 -3.42 12.14
CA LYS A 311 -25.68 -3.87 12.39
C LYS A 311 -25.01 -4.26 11.07
N GLY A 312 -23.70 -4.41 11.11
CA GLY A 312 -22.94 -4.85 9.95
C GLY A 312 -22.84 -3.84 8.83
N TYR A 313 -22.16 -2.71 9.07
CA TYR A 313 -21.94 -1.69 8.07
C TYR A 313 -20.46 -1.31 8.05
N ARG A 314 -19.96 -1.01 6.85
CA ARG A 314 -18.56 -0.61 6.72
C ARG A 314 -18.32 0.74 7.40
N VAL A 315 -17.17 0.87 8.06
CA VAL A 315 -16.89 2.00 8.93
C VAL A 315 -15.68 2.75 8.39
N THR A 316 -15.61 4.03 8.74
CA THR A 316 -14.46 4.87 8.43
C THR A 316 -13.49 4.85 9.62
N SER A 317 -12.45 5.69 9.55
CA SER A 317 -11.38 5.64 10.54
C SER A 317 -11.85 6.14 11.90
N THR A 318 -12.89 6.98 11.89
CA THR A 318 -13.40 7.73 13.02
C THR A 318 -14.56 7.01 13.72
N GLY A 319 -15.37 6.26 12.97
CA GLY A 319 -16.52 5.58 13.53
C GLY A 319 -17.81 5.86 12.78
N LYS A 320 -17.71 6.52 11.61
CA LYS A 320 -18.91 6.80 10.84
C LYS A 320 -19.14 5.71 9.79
N PRO A 321 -20.40 5.45 9.45
CA PRO A 321 -20.68 4.42 8.44
C PRO A 321 -20.06 4.79 7.10
N GLU A 322 -19.55 3.76 6.40
CA GLU A 322 -18.93 3.94 5.09
C GLU A 322 -19.81 3.26 4.05
N PHE A 323 -20.67 4.03 3.40
CA PHE A 323 -21.54 3.55 2.34
C PHE A 323 -21.11 4.13 1.00
N THR A 324 -21.31 3.34 -0.06
CA THR A 324 -20.86 3.74 -1.39
C THR A 324 -21.67 4.91 -1.90
N ASN A 325 -21.01 6.03 -2.15
CA ASN A 325 -21.67 7.21 -2.69
C ASN A 325 -21.81 7.10 -4.20
N LEU A 326 -22.85 7.75 -4.74
CA LEU A 326 -23.11 7.76 -6.17
C LEU A 326 -22.40 8.96 -6.79
N LYS A 327 -21.32 8.69 -7.53
CA LYS A 327 -20.49 9.76 -8.06
C LYS A 327 -21.06 10.33 -9.35
N VAL A 328 -21.16 9.50 -10.39
CA VAL A 328 -21.53 10.00 -11.70
C VAL A 328 -23.00 10.42 -11.72
N TYR A 329 -23.86 9.64 -11.07
CA TYR A 329 -25.29 9.95 -11.07
C TYR A 329 -25.55 11.33 -10.49
N HIS A 330 -24.95 11.62 -9.32
CA HIS A 330 -25.20 12.90 -8.69
C HIS A 330 -24.40 14.03 -9.31
N ASP A 331 -23.25 13.73 -9.92
CA ASP A 331 -22.51 14.76 -10.65
C ASP A 331 -23.26 15.19 -11.90
N ILE A 332 -24.08 14.30 -12.48
CA ILE A 332 -24.89 14.66 -13.64
C ILE A 332 -26.22 15.28 -13.24
N LYS A 333 -26.83 14.80 -12.15
CA LYS A 333 -28.14 15.29 -11.76
C LYS A 333 -28.11 16.75 -11.31
N ASP A 334 -27.00 17.19 -10.72
CA ASP A 334 -26.88 18.60 -10.33
C ASP A 334 -26.70 19.54 -11.52
N ILE A 335 -26.65 19.00 -12.74
CA ILE A 335 -26.61 19.80 -13.95
C ILE A 335 -27.93 19.72 -14.72
N THR A 336 -28.50 18.53 -14.85
CA THR A 336 -29.78 18.35 -15.51
C THR A 336 -30.56 17.25 -14.80
N ALA A 337 -31.86 17.47 -14.63
CA ALA A 337 -32.76 16.49 -14.04
C ALA A 337 -33.67 15.85 -15.08
N ARG A 338 -33.44 16.12 -16.37
CA ARG A 338 -34.20 15.48 -17.43
C ARG A 338 -34.05 13.97 -17.34
N LYS A 339 -35.18 13.28 -17.14
CA LYS A 339 -35.14 11.85 -16.88
C LYS A 339 -34.51 11.07 -18.03
N GLU A 340 -34.78 11.48 -19.27
CA GLU A 340 -34.20 10.78 -20.41
C GLU A 340 -32.67 10.84 -20.39
N ILE A 341 -32.12 12.01 -20.06
CA ILE A 341 -30.67 12.18 -20.08
C ILE A 341 -30.03 11.45 -18.89
N ILE A 342 -30.56 11.67 -17.70
CA ILE A 342 -29.89 11.20 -16.49
C ILE A 342 -30.11 9.71 -16.27
N GLU A 343 -31.29 9.18 -16.63
CA GLU A 343 -31.62 7.82 -16.26
C GLU A 343 -30.89 6.80 -17.12
N ASN A 344 -30.81 7.03 -18.43
CA ASN A 344 -30.25 6.05 -19.37
C ASN A 344 -28.85 5.62 -18.95
N ALA A 345 -28.73 4.34 -18.60
CA ALA A 345 -27.47 3.82 -18.07
C ALA A 345 -26.36 3.84 -19.12
N GLU A 346 -26.72 3.57 -20.38
CA GLU A 346 -25.70 3.59 -21.43
C GLU A 346 -25.10 4.98 -21.59
N LEU A 347 -25.95 6.01 -21.50
CA LEU A 347 -25.45 7.38 -21.64
C LEU A 347 -24.49 7.73 -20.51
N LEU A 348 -24.80 7.33 -19.28
CA LEU A 348 -23.90 7.64 -18.17
C LEU A 348 -22.61 6.82 -18.24
N ASP A 349 -22.71 5.57 -18.68
CA ASP A 349 -21.49 4.79 -18.89
C ASP A 349 -20.59 5.43 -19.95
N GLN A 350 -21.20 5.92 -21.03
N GLN A 350 -21.20 5.92 -21.03
CA GLN A 350 -20.42 6.60 -22.07
CA GLN A 350 -20.42 6.60 -22.07
C GLN A 350 -19.80 7.89 -21.53
C GLN A 350 -19.80 7.89 -21.53
N ILE A 351 -20.55 8.62 -20.70
CA ILE A 351 -20.01 9.85 -20.11
C ILE A 351 -18.83 9.54 -19.19
N ALA A 352 -18.93 8.45 -18.43
CA ALA A 352 -17.82 8.05 -17.56
C ALA A 352 -16.59 7.68 -18.39
N LYS A 353 -16.78 6.87 -19.42
CA LYS A 353 -15.65 6.49 -20.27
C LYS A 353 -15.05 7.70 -20.99
N ILE A 354 -15.87 8.71 -21.30
CA ILE A 354 -15.32 9.92 -21.92
C ILE A 354 -14.52 10.72 -20.91
N LEU A 355 -15.09 10.95 -19.73
CA LEU A 355 -14.44 11.80 -18.75
C LEU A 355 -13.17 11.19 -18.18
N THR A 356 -13.07 9.86 -18.18
CA THR A 356 -11.89 9.25 -17.55
C THR A 356 -10.69 9.28 -18.47
N ILE A 357 -10.78 8.68 -19.66
CA ILE A 357 -9.59 8.56 -20.50
C ILE A 357 -9.30 9.82 -21.31
N TYR A 358 -10.20 10.80 -21.28
CA TYR A 358 -9.99 12.08 -21.93
C TYR A 358 -9.89 13.14 -20.86
N GLN A 359 -8.94 14.08 -21.00
CA GLN A 359 -8.76 15.02 -19.91
C GLN A 359 -8.78 16.49 -20.35
N SER A 360 -8.28 16.79 -21.54
CA SER A 360 -8.36 18.17 -22.03
C SER A 360 -9.80 18.55 -22.31
N SER A 361 -10.16 19.80 -21.99
CA SER A 361 -11.55 20.22 -22.02
C SER A 361 -12.16 20.10 -23.42
N GLU A 362 -11.44 20.59 -24.43
CA GLU A 362 -12.00 20.64 -25.78
C GLU A 362 -12.20 19.24 -26.34
N ASP A 363 -11.29 18.30 -26.04
CA ASP A 363 -11.46 16.94 -26.52
C ASP A 363 -12.65 16.26 -25.85
N ILE A 364 -12.82 16.50 -24.54
CA ILE A 364 -14.02 16.02 -23.86
C ILE A 364 -15.28 16.55 -24.54
N GLN A 365 -15.28 17.86 -24.83
CA GLN A 365 -16.43 18.46 -25.51
C GLN A 365 -16.70 17.78 -26.85
N GLU A 366 -15.66 17.62 -27.67
CA GLU A 366 -15.86 17.12 -29.03
C GLU A 366 -16.26 15.65 -29.04
N GLU A 367 -15.78 14.86 -28.08
CA GLU A 367 -16.11 13.44 -28.06
C GLU A 367 -17.40 13.13 -27.31
N LEU A 368 -17.86 14.02 -26.42
CA LEU A 368 -19.24 13.92 -25.95
C LEU A 368 -20.21 14.39 -27.02
N THR A 369 -19.80 15.40 -27.80
CA THR A 369 -20.61 15.84 -28.94
C THR A 369 -20.74 14.75 -29.99
N ASN A 370 -19.68 13.97 -30.17
CA ASN A 370 -19.73 12.87 -31.13
C ASN A 370 -20.35 11.60 -30.55
N LEU A 371 -20.82 11.65 -29.30
CA LEU A 371 -21.68 10.59 -28.77
C LEU A 371 -23.12 10.99 -29.04
N ASN A 372 -23.56 10.71 -30.26
CA ASN A 372 -24.87 11.17 -30.73
C ASN A 372 -25.98 10.55 -29.90
N SER A 373 -26.76 11.40 -29.24
CA SER A 373 -27.82 10.98 -28.32
C SER A 373 -28.76 12.17 -28.12
N GLU A 374 -29.62 12.07 -27.11
CA GLU A 374 -30.48 13.19 -26.75
C GLU A 374 -29.71 14.34 -26.12
N LEU A 375 -28.43 14.13 -25.78
CA LEU A 375 -27.65 15.12 -25.06
C LEU A 375 -27.66 16.48 -25.74
N THR A 376 -27.83 17.52 -24.94
CA THR A 376 -27.83 18.90 -25.42
C THR A 376 -26.39 19.37 -25.60
N GLN A 377 -26.20 20.67 -25.76
CA GLN A 377 -24.88 21.27 -25.91
C GLN A 377 -24.41 22.01 -24.68
N GLU A 378 -25.27 22.81 -24.04
CA GLU A 378 -24.86 23.49 -22.82
C GLU A 378 -24.59 22.50 -21.70
N GLU A 379 -25.31 21.38 -21.68
CA GLU A 379 -25.02 20.33 -20.71
C GLU A 379 -23.61 19.80 -20.89
N ILE A 380 -23.15 19.69 -22.15
CA ILE A 380 -21.75 19.32 -22.38
C ILE A 380 -20.81 20.36 -21.81
N GLU A 381 -21.16 21.64 -21.94
CA GLU A 381 -20.33 22.70 -21.40
C GLU A 381 -20.20 22.59 -19.88
N GLN A 382 -21.30 22.29 -19.19
CA GLN A 382 -21.23 22.13 -17.74
C GLN A 382 -20.53 20.84 -17.35
N ILE A 383 -20.67 19.78 -18.13
CA ILE A 383 -20.05 18.50 -17.81
C ILE A 383 -18.55 18.53 -18.05
N SER A 384 -18.08 19.38 -18.97
CA SER A 384 -16.65 19.42 -19.27
C SER A 384 -15.82 19.78 -18.04
N ASN A 385 -16.34 20.66 -17.18
CA ASN A 385 -15.62 21.12 -16.01
C ASN A 385 -15.72 20.18 -14.82
N LEU A 386 -16.13 18.92 -15.03
CA LEU A 386 -16.14 17.95 -13.94
C LEU A 386 -14.71 17.54 -13.60
N LYS A 387 -14.55 16.98 -12.40
CA LYS A 387 -13.23 16.63 -11.90
C LYS A 387 -13.29 15.31 -11.15
N GLY A 388 -12.16 14.61 -11.13
CA GLY A 388 -12.01 13.44 -10.29
C GLY A 388 -12.51 12.14 -10.86
N TYR A 389 -12.41 11.95 -12.18
CA TYR A 389 -12.84 10.72 -12.83
C TYR A 389 -11.60 10.00 -13.35
N THR A 390 -11.01 9.17 -12.48
CA THR A 390 -9.83 8.41 -12.81
C THR A 390 -9.94 7.02 -12.21
N GLY A 391 -9.11 6.11 -12.69
CA GLY A 391 -9.04 4.77 -12.15
C GLY A 391 -9.63 3.75 -13.12
N THR A 392 -9.19 2.50 -12.95
CA THR A 392 -9.67 1.38 -13.74
C THR A 392 -10.23 0.33 -12.80
N HIS A 393 -11.41 -0.21 -13.14
CA HIS A 393 -12.06 -1.20 -12.31
C HIS A 393 -11.43 -2.58 -12.51
N ASN A 394 -11.64 -3.46 -11.54
CA ASN A 394 -11.08 -4.81 -11.60
C ASN A 394 -11.64 -5.58 -12.78
N LEU A 395 -12.97 -5.68 -12.87
CA LEU A 395 -13.64 -6.52 -13.84
C LEU A 395 -14.25 -5.67 -14.95
N SER A 396 -14.60 -6.34 -16.05
CA SER A 396 -15.17 -5.68 -17.20
C SER A 396 -16.66 -5.40 -16.99
N LEU A 397 -17.25 -4.66 -17.94
CA LEU A 397 -18.65 -4.27 -17.81
C LEU A 397 -19.60 -5.46 -17.99
N LYS A 398 -19.17 -6.48 -18.75
CA LYS A 398 -20.01 -7.66 -18.93
C LYS A 398 -20.12 -8.44 -17.62
N ALA A 399 -18.99 -8.79 -17.02
CA ALA A 399 -19.00 -9.39 -15.70
C ALA A 399 -19.67 -8.48 -14.68
N ILE A 400 -19.53 -7.16 -14.86
CA ILE A 400 -20.19 -6.21 -13.96
C ILE A 400 -21.69 -6.39 -14.02
N ASN A 401 -22.25 -6.49 -15.24
CA ASN A 401 -23.69 -6.63 -15.38
C ASN A 401 -24.16 -8.00 -14.89
N LEU A 402 -23.38 -9.05 -15.14
CA LEU A 402 -23.77 -10.37 -14.66
C LEU A 402 -23.81 -10.42 -13.13
N ILE A 403 -22.73 -9.97 -12.49
CA ILE A 403 -22.70 -9.91 -11.03
C ILE A 403 -23.76 -8.94 -10.52
N LEU A 404 -24.12 -7.94 -11.31
CA LEU A 404 -25.16 -6.99 -10.90
C LEU A 404 -26.51 -7.67 -10.82
N ASP A 405 -26.85 -8.47 -11.83
CA ASP A 405 -28.08 -9.27 -11.76
C ASP A 405 -28.06 -10.21 -10.57
N GLU A 406 -26.97 -10.97 -10.43
CA GLU A 406 -26.86 -11.94 -9.33
C GLU A 406 -26.92 -11.25 -7.96
N LEU A 407 -26.47 -10.00 -7.87
CA LEU A 407 -26.50 -9.26 -6.62
C LEU A 407 -27.88 -8.69 -6.33
N TRP A 408 -28.55 -8.17 -7.36
CA TRP A 408 -29.91 -7.67 -7.19
C TRP A 408 -30.83 -8.78 -6.71
N HIS A 409 -30.71 -9.99 -7.28
CA HIS A 409 -31.70 -11.01 -6.98
C HIS A 409 -31.39 -11.80 -5.70
N THR A 410 -30.12 -11.95 -5.32
CA THR A 410 -29.77 -12.72 -4.14
C THR A 410 -29.30 -11.80 -3.01
N ASN A 411 -28.94 -12.42 -1.88
CA ASN A 411 -28.46 -11.70 -0.71
C ASN A 411 -26.95 -11.87 -0.51
N ASP A 412 -26.24 -12.42 -1.49
CA ASP A 412 -24.81 -12.63 -1.37
C ASP A 412 -24.05 -11.36 -1.68
N ASN A 413 -22.79 -11.33 -1.25
CA ASN A 413 -21.86 -10.26 -1.57
C ASN A 413 -20.85 -10.74 -2.60
N GLN A 414 -19.88 -9.87 -2.92
CA GLN A 414 -18.87 -10.21 -3.90
C GLN A 414 -18.09 -11.44 -3.48
N ILE A 415 -17.74 -11.53 -2.20
CA ILE A 415 -17.03 -12.70 -1.69
C ILE A 415 -17.84 -13.97 -1.94
N ALA A 416 -19.12 -13.95 -1.54
CA ALA A 416 -19.95 -15.14 -1.65
C ALA A 416 -20.22 -15.49 -3.11
N ILE A 417 -20.42 -14.49 -3.97
CA ILE A 417 -20.67 -14.78 -5.38
C ILE A 417 -19.44 -15.38 -6.03
N PHE A 418 -18.27 -14.79 -5.76
CA PHE A 418 -17.02 -15.32 -6.31
C PHE A 418 -16.73 -16.72 -5.81
N ASN A 419 -17.11 -17.02 -4.56
CA ASN A 419 -16.93 -18.38 -4.05
C ASN A 419 -17.95 -19.34 -4.64
N ARG A 420 -19.15 -18.84 -4.97
CA ARG A 420 -20.21 -19.71 -5.49
C ARG A 420 -19.92 -20.11 -6.93
N LEU A 421 -19.84 -19.13 -7.83
CA LEU A 421 -19.77 -19.47 -9.24
C LEU A 421 -18.41 -20.05 -9.62
N LYS A 422 -17.36 -19.68 -8.90
CA LYS A 422 -16.02 -20.24 -9.06
C LYS A 422 -15.52 -20.09 -10.50
N LEU A 423 -15.70 -18.89 -11.06
CA LEU A 423 -15.19 -18.60 -12.39
C LEU A 423 -13.66 -18.63 -12.38
N VAL A 424 -13.08 -19.15 -13.46
CA VAL A 424 -11.65 -19.41 -13.53
C VAL A 424 -10.96 -18.30 -14.33
N PRO A 425 -9.77 -17.86 -13.93
CA PRO A 425 -9.01 -16.92 -14.78
C PRO A 425 -8.69 -17.56 -16.13
N LYS A 426 -9.21 -16.93 -17.18
CA LYS A 426 -9.10 -17.47 -18.54
C LYS A 426 -8.04 -16.76 -19.37
N LYS A 427 -7.24 -15.89 -18.77
CA LYS A 427 -6.15 -15.25 -19.50
C LYS A 427 -5.15 -16.27 -20.00
N VAL A 428 -4.48 -16.96 -19.08
CA VAL A 428 -3.60 -18.07 -19.40
C VAL A 428 -4.31 -19.36 -18.96
N ASP A 429 -4.55 -20.25 -19.92
CA ASP A 429 -5.26 -21.48 -19.62
C ASP A 429 -4.47 -22.34 -18.66
N LEU A 430 -5.07 -22.67 -17.52
CA LEU A 430 -4.41 -23.45 -16.49
C LEU A 430 -4.36 -24.94 -16.80
N SER A 431 -4.96 -25.37 -17.91
CA SER A 431 -5.05 -26.79 -18.21
C SER A 431 -3.74 -27.31 -18.83
N GLN A 432 -3.38 -26.79 -20.00
CA GLN A 432 -2.17 -27.23 -20.68
C GLN A 432 -0.98 -26.34 -20.30
N GLN A 433 -0.77 -26.19 -19.00
CA GLN A 433 0.41 -25.53 -18.45
C GLN A 433 1.04 -26.46 -17.43
N LYS A 434 2.30 -26.81 -17.64
CA LYS A 434 2.95 -27.82 -16.80
C LYS A 434 3.03 -27.35 -15.35
N GLU A 435 3.59 -26.15 -15.13
CA GLU A 435 3.78 -25.62 -13.79
C GLU A 435 2.73 -24.55 -13.48
N ILE A 436 2.86 -23.97 -12.28
CA ILE A 436 1.99 -22.87 -11.87
C ILE A 436 2.27 -21.66 -12.76
N PRO A 437 1.26 -21.05 -13.39
CA PRO A 437 1.53 -19.85 -14.20
C PRO A 437 1.82 -18.64 -13.32
N THR A 438 3.00 -18.05 -13.52
CA THR A 438 3.39 -16.87 -12.77
C THR A 438 2.90 -15.57 -13.40
N THR A 439 2.62 -15.57 -14.71
CA THR A 439 2.15 -14.37 -15.37
C THR A 439 0.73 -13.98 -14.97
N LEU A 440 0.00 -14.86 -14.28
CA LEU A 440 -1.34 -14.53 -13.84
C LEU A 440 -1.32 -13.50 -12.73
N VAL A 441 -0.26 -13.48 -11.93
CA VAL A 441 -0.13 -12.47 -10.88
C VAL A 441 0.01 -11.07 -11.47
N ASP A 442 0.60 -10.98 -12.67
CA ASP A 442 0.87 -9.67 -13.26
C ASP A 442 -0.41 -8.90 -13.59
N ASP A 443 -1.45 -9.61 -14.05
CA ASP A 443 -2.68 -8.93 -14.44
C ASP A 443 -3.40 -8.33 -13.24
N PHE A 444 -3.23 -8.91 -12.07
CA PHE A 444 -3.88 -8.39 -10.86
C PHE A 444 -3.33 -7.02 -10.50
N ILE A 445 -4.23 -6.15 -10.05
CA ILE A 445 -3.87 -4.78 -9.69
C ILE A 445 -3.41 -4.77 -8.23
N LEU A 446 -2.15 -5.14 -8.03
CA LEU A 446 -1.50 -5.16 -6.72
C LEU A 446 -0.23 -4.33 -6.77
N SER A 447 0.20 -3.85 -5.59
CA SER A 447 1.44 -3.10 -5.51
C SER A 447 2.60 -4.03 -5.85
N PRO A 448 3.69 -3.49 -6.41
CA PRO A 448 4.82 -4.36 -6.78
C PRO A 448 5.42 -5.11 -5.62
N VAL A 449 5.24 -4.63 -4.38
CA VAL A 449 5.78 -5.34 -3.22
C VAL A 449 5.08 -6.68 -3.06
N VAL A 450 3.75 -6.64 -2.85
CA VAL A 450 3.01 -7.89 -2.70
C VAL A 450 3.01 -8.68 -4.00
N LYS A 451 3.16 -8.00 -5.15
CA LYS A 451 3.26 -8.73 -6.41
C LYS A 451 4.53 -9.58 -6.45
N ARG A 452 5.67 -8.98 -6.11
CA ARG A 452 6.91 -9.74 -6.02
C ARG A 452 6.81 -10.87 -5.00
N SER A 453 6.21 -10.57 -3.84
CA SER A 453 6.09 -11.59 -2.81
C SER A 453 5.23 -12.76 -3.30
N PHE A 454 4.17 -12.47 -4.05
CA PHE A 454 3.31 -13.52 -4.58
C PHE A 454 4.02 -14.33 -5.65
N ILE A 455 4.79 -13.66 -6.52
CA ILE A 455 5.56 -14.40 -7.53
C ILE A 455 6.54 -15.34 -6.86
N GLN A 456 7.22 -14.86 -5.81
CA GLN A 456 8.18 -15.70 -5.11
C GLN A 456 7.49 -16.88 -4.42
N SER A 457 6.38 -16.62 -3.73
CA SER A 457 5.66 -17.69 -3.06
C SER A 457 5.15 -18.73 -4.06
N ILE A 458 4.67 -18.27 -5.22
CA ILE A 458 4.14 -19.18 -6.22
C ILE A 458 5.25 -20.05 -6.79
N LYS A 459 6.41 -19.46 -7.07
CA LYS A 459 7.50 -20.27 -7.59
C LYS A 459 8.05 -21.23 -6.54
N VAL A 460 7.98 -20.83 -5.25
CA VAL A 460 8.38 -21.74 -4.18
C VAL A 460 7.43 -22.93 -4.11
N ILE A 461 6.11 -22.67 -4.20
CA ILE A 461 5.14 -23.75 -4.25
C ILE A 461 5.38 -24.64 -5.46
N ASN A 462 5.72 -24.04 -6.60
CA ASN A 462 6.03 -24.81 -7.79
C ASN A 462 7.19 -25.76 -7.54
N ALA A 463 8.28 -25.25 -6.98
CA ALA A 463 9.46 -26.08 -6.72
C ALA A 463 9.17 -27.17 -5.70
N ILE A 464 8.38 -26.83 -4.66
CA ILE A 464 8.02 -27.83 -3.66
C ILE A 464 7.21 -28.96 -4.29
N ILE A 465 6.23 -28.61 -5.13
CA ILE A 465 5.41 -29.61 -5.81
C ILE A 465 6.27 -30.45 -6.74
N LYS A 466 7.22 -29.82 -7.43
CA LYS A 466 8.03 -30.54 -8.40
C LYS A 466 8.99 -31.51 -7.71
N LYS A 467 9.55 -31.12 -6.56
CA LYS A 467 10.55 -31.95 -5.89
C LYS A 467 9.97 -32.92 -4.87
N TYR A 468 8.72 -32.74 -4.46
CA TYR A 468 8.11 -33.64 -3.48
C TYR A 468 6.78 -34.23 -3.89
N GLY A 469 6.16 -33.76 -4.97
CA GLY A 469 4.86 -34.24 -5.40
C GLY A 469 3.74 -33.32 -4.96
N LEU A 470 2.54 -33.63 -5.45
CA LEU A 470 1.38 -32.78 -5.17
C LEU A 470 0.97 -32.92 -3.72
N PRO A 471 0.81 -31.82 -2.98
CA PRO A 471 0.44 -31.91 -1.57
C PRO A 471 -1.02 -32.30 -1.38
N ASN A 472 -1.36 -32.53 -0.12
CA ASN A 472 -2.75 -32.72 0.28
C ASN A 472 -3.37 -31.39 0.72
N ASP A 473 -2.78 -30.77 1.75
CA ASP A 473 -3.30 -29.53 2.31
C ASP A 473 -2.21 -28.47 2.28
N ILE A 474 -2.54 -27.30 1.76
CA ILE A 474 -1.67 -26.13 1.77
C ILE A 474 -2.34 -25.04 2.61
N ILE A 475 -1.55 -24.37 3.44
CA ILE A 475 -2.03 -23.26 4.24
C ILE A 475 -1.09 -22.08 4.04
N ILE A 476 -1.65 -20.88 3.92
CA ILE A 476 -0.89 -19.68 3.60
C ILE A 476 -1.32 -18.56 4.55
N GLU A 477 -0.35 -17.92 5.18
CA GLU A 477 -0.56 -16.72 5.98
C GLU A 477 0.18 -15.56 5.32
N LEU A 478 -0.49 -14.42 5.21
CA LEU A 478 0.10 -13.20 4.65
C LEU A 478 0.34 -12.21 5.77
N ALA A 479 1.46 -11.50 5.70
CA ALA A 479 1.84 -10.56 6.75
C ALA A 479 0.90 -9.35 6.76
N ARG A 480 0.76 -8.74 7.94
CA ARG A 480 -0.11 -7.59 8.09
C ARG A 480 0.49 -6.36 7.43
N GLU A 481 1.82 -6.28 7.36
CA GLU A 481 2.49 -5.06 6.91
C GLU A 481 2.31 -4.88 5.41
N LYS A 482 1.99 -3.65 5.00
CA LYS A 482 1.91 -3.33 3.58
C LYS A 482 3.31 -3.09 3.00
N ASN A 483 4.08 -2.21 3.63
CA ASN A 483 5.48 -1.99 3.27
C ASN A 483 6.28 -1.83 4.56
N SER A 484 7.56 -1.49 4.42
CA SER A 484 8.40 -1.29 5.60
C SER A 484 7.97 -0.09 6.41
N LYS A 485 7.52 0.98 5.74
CA LYS A 485 7.10 2.19 6.46
C LYS A 485 5.83 1.95 7.26
N ASP A 486 4.90 1.17 6.71
CA ASP A 486 3.69 0.83 7.46
C ASP A 486 4.04 -0.06 8.65
N ALA A 487 4.97 -1.00 8.45
CA ALA A 487 5.46 -1.80 9.57
C ALA A 487 6.06 -0.92 10.65
N GLN A 488 6.79 0.12 10.26
CA GLN A 488 7.39 1.02 11.25
C GLN A 488 6.33 1.85 11.96
N LYS A 489 5.29 2.29 11.24
CA LYS A 489 4.18 2.97 11.89
C LYS A 489 3.56 2.08 12.96
N MET A 490 3.28 0.83 12.61
CA MET A 490 2.66 -0.08 13.57
C MET A 490 3.60 -0.36 14.74
N ILE A 491 4.89 -0.54 14.47
CA ILE A 491 5.85 -0.80 15.54
C ILE A 491 5.95 0.38 16.47
N ASN A 492 5.97 1.59 15.92
CA ASN A 492 6.05 2.79 16.74
C ASN A 492 4.80 2.92 17.61
N GLU A 493 3.63 2.69 17.03
CA GLU A 493 2.40 2.78 17.81
C GLU A 493 2.34 1.70 18.88
N MET A 494 2.83 0.50 18.58
CA MET A 494 2.83 -0.58 19.56
C MET A 494 3.74 -0.25 20.74
N GLN A 495 4.95 0.25 20.44
CA GLN A 495 5.87 0.63 21.51
C GLN A 495 5.30 1.79 22.33
N LYS A 496 4.66 2.76 21.67
CA LYS A 496 4.10 3.89 22.41
C LYS A 496 2.94 3.45 23.30
N ARG A 497 2.04 2.60 22.79
CA ARG A 497 0.92 2.13 23.61
C ARG A 497 1.42 1.26 24.77
N ASN A 498 2.42 0.41 24.52
CA ASN A 498 2.96 -0.41 25.59
C ASN A 498 3.66 0.45 26.64
N ARG A 499 4.34 1.51 26.22
CA ARG A 499 4.97 2.43 27.16
C ARG A 499 3.93 3.16 28.00
N GLN A 500 2.82 3.57 27.37
CA GLN A 500 1.77 4.26 28.13
C GLN A 500 1.10 3.32 29.13
N THR A 501 0.84 2.08 28.72
CA THR A 501 0.29 1.11 29.67
C THR A 501 1.28 0.82 30.80
N ASN A 502 2.57 0.79 30.48
CA ASN A 502 3.58 0.55 31.51
C ASN A 502 3.65 1.71 32.50
N GLU A 503 3.56 2.94 32.00
CA GLU A 503 3.56 4.10 32.89
C GLU A 503 2.30 4.14 33.75
N ARG A 504 1.16 3.79 33.16
CA ARG A 504 -0.09 3.73 33.94
C ARG A 504 -0.01 2.64 35.01
N ILE A 505 0.60 1.50 34.68
CA ILE A 505 0.76 0.42 35.66
C ILE A 505 1.71 0.84 36.75
N GLU A 506 2.78 1.58 36.40
CA GLU A 506 3.69 2.09 37.41
C GLU A 506 2.99 3.08 38.34
N GLU A 507 2.12 3.92 37.79
CA GLU A 507 1.33 4.83 38.61
C GLU A 507 0.41 4.08 39.56
N ILE A 508 -0.24 3.02 39.07
CA ILE A 508 -1.11 2.21 39.93
C ILE A 508 -0.30 1.53 41.03
N ILE A 509 0.89 1.02 40.68
CA ILE A 509 1.72 0.32 41.65
C ILE A 509 2.26 1.29 42.69
N ARG A 510 2.58 2.52 42.28
CA ARG A 510 2.97 3.54 43.26
C ARG A 510 1.78 3.96 44.13
N THR A 511 0.56 3.86 43.59
CA THR A 511 -0.63 4.17 44.38
C THR A 511 -0.84 3.15 45.48
N THR A 512 -0.97 1.87 45.12
CA THR A 512 -1.23 0.84 46.13
C THR A 512 0.07 0.36 46.79
N GLY A 513 1.03 -0.08 45.99
CA GLY A 513 2.34 -0.47 46.48
C GLY A 513 2.54 -1.96 46.51
N LYS A 514 3.20 -2.48 45.49
CA LYS A 514 3.45 -3.90 45.28
C LYS A 514 4.03 -4.08 43.89
N GLU A 515 4.53 -5.28 43.63
CA GLU A 515 4.77 -5.77 42.28
C GLU A 515 3.57 -6.53 41.75
N ASN A 516 2.43 -6.45 42.42
CA ASN A 516 1.24 -7.22 42.06
C ASN A 516 0.51 -6.64 40.86
N ALA A 517 0.68 -5.34 40.60
CA ALA A 517 -0.03 -4.72 39.48
C ALA A 517 0.52 -5.18 38.14
N LYS A 518 1.80 -5.57 38.09
CA LYS A 518 2.41 -5.96 36.82
C LYS A 518 1.83 -7.27 36.29
N TYR A 519 1.33 -8.14 37.18
CA TYR A 519 0.81 -9.43 36.75
C TYR A 519 -0.66 -9.39 36.32
N LEU A 520 -1.37 -8.31 36.62
CA LEU A 520 -2.80 -8.22 36.41
C LEU A 520 -3.16 -7.47 35.14
N ILE A 521 -2.16 -7.19 34.28
CA ILE A 521 -2.30 -6.19 33.21
C ILE A 521 -3.62 -6.35 32.49
N GLU A 522 -3.82 -7.49 31.81
CA GLU A 522 -5.06 -7.70 31.07
C GLU A 522 -6.27 -7.28 31.88
N LYS A 523 -6.53 -7.97 33.00
CA LYS A 523 -7.71 -7.64 33.78
C LYS A 523 -7.76 -6.15 34.08
N ILE A 524 -6.64 -5.60 34.56
CA ILE A 524 -6.63 -4.21 35.02
C ILE A 524 -6.92 -3.26 33.87
N LYS A 525 -6.47 -3.60 32.65
CA LYS A 525 -6.83 -2.74 31.54
C LYS A 525 -8.30 -2.89 31.17
N LEU A 526 -8.81 -4.13 31.22
CA LEU A 526 -10.22 -4.35 30.90
C LEU A 526 -11.11 -3.57 31.86
N HIS A 527 -10.94 -3.80 33.17
CA HIS A 527 -11.56 -2.97 34.19
C HIS A 527 -11.42 -1.49 33.85
N ASP A 528 -10.22 -1.06 33.45
CA ASP A 528 -10.01 0.36 33.17
C ASP A 528 -10.90 0.85 32.05
N MET A 529 -11.04 0.07 30.98
CA MET A 529 -11.90 0.49 29.88
C MET A 529 -13.38 0.45 30.23
N GLN A 530 -13.75 -0.07 31.40
CA GLN A 530 -15.16 -0.19 31.78
C GLN A 530 -15.47 0.54 33.08
N GLU A 531 -14.60 1.45 33.51
CA GLU A 531 -14.80 2.25 34.72
C GLU A 531 -15.14 1.39 35.93
N GLY A 532 -14.48 0.25 36.06
CA GLY A 532 -14.68 -0.60 37.22
C GLY A 532 -16.07 -1.19 37.33
N LYS A 533 -16.62 -1.67 36.23
CA LYS A 533 -17.96 -2.24 36.21
C LYS A 533 -17.97 -3.52 35.40
N CYS A 534 -18.54 -4.57 35.97
CA CYS A 534 -18.87 -5.75 35.18
C CYS A 534 -19.96 -5.39 34.18
N LEU A 535 -19.99 -6.11 33.07
CA LEU A 535 -20.98 -5.85 32.04
C LEU A 535 -22.19 -6.75 32.13
N TYR A 536 -22.03 -7.99 32.59
CA TYR A 536 -23.18 -8.90 32.68
C TYR A 536 -24.13 -8.51 33.81
N SER A 537 -23.57 -8.08 34.94
CA SER A 537 -24.38 -7.79 36.13
C SER A 537 -24.39 -6.32 36.53
N LEU A 538 -23.55 -5.48 35.92
CA LEU A 538 -23.41 -4.06 36.24
C LEU A 538 -23.04 -3.82 37.69
N GLU A 539 -22.63 -4.84 38.42
CA GLU A 539 -22.18 -4.65 39.79
C GLU A 539 -20.81 -4.00 39.82
N ALA A 540 -20.57 -3.18 40.83
CA ALA A 540 -19.33 -2.44 40.94
C ALA A 540 -18.15 -3.40 41.12
N ILE A 541 -17.07 -3.13 40.39
CA ILE A 541 -15.85 -3.92 40.49
C ILE A 541 -14.75 -3.05 41.09
N PRO A 542 -14.57 -3.08 42.41
CA PRO A 542 -13.54 -2.23 43.03
C PRO A 542 -12.15 -2.63 42.58
N LEU A 543 -11.26 -1.63 42.45
CA LEU A 543 -9.91 -1.89 42.00
C LEU A 543 -9.04 -2.48 43.12
N GLU A 544 -9.32 -2.12 44.38
CA GLU A 544 -8.56 -2.69 45.49
C GLU A 544 -8.85 -4.18 45.63
N ASP A 545 -10.14 -4.56 45.60
CA ASP A 545 -10.51 -5.96 45.60
C ASP A 545 -9.90 -6.68 44.40
N LEU A 546 -9.83 -6.01 43.25
CA LEU A 546 -9.25 -6.62 42.06
C LEU A 546 -7.76 -6.90 42.27
N LEU A 547 -7.03 -5.94 42.83
CA LEU A 547 -5.61 -6.15 43.11
C LEU A 547 -5.42 -7.26 44.14
N ASN A 548 -6.31 -7.35 45.13
CA ASN A 548 -6.13 -8.30 46.21
C ASN A 548 -6.40 -9.73 45.76
N ASN A 549 -7.64 -10.02 45.34
CA ASN A 549 -8.08 -11.40 45.06
C ASN A 549 -8.82 -11.44 43.72
N PRO A 550 -8.10 -11.52 42.61
CA PRO A 550 -8.74 -11.49 41.29
C PRO A 550 -9.52 -12.74 40.93
N PHE A 551 -9.31 -13.86 41.63
CA PHE A 551 -9.84 -15.16 41.19
C PHE A 551 -11.34 -15.17 40.98
N ASN A 552 -12.09 -14.29 41.64
CA ASN A 552 -13.52 -14.16 41.40
C ASN A 552 -13.85 -13.28 40.20
N TYR A 553 -12.85 -12.61 39.62
CA TYR A 553 -13.01 -11.75 38.45
C TYR A 553 -12.36 -12.45 37.26
N GLU A 554 -13.19 -13.07 36.43
CA GLU A 554 -12.74 -13.88 35.31
C GLU A 554 -12.81 -13.09 34.01
N VAL A 555 -11.89 -13.40 33.11
CA VAL A 555 -11.82 -12.75 31.79
C VAL A 555 -12.66 -13.61 30.85
N ASP A 556 -13.95 -13.35 30.78
CA ASP A 556 -14.84 -14.16 29.96
C ASP A 556 -14.82 -13.68 28.51
N HIS A 557 -14.94 -14.65 27.59
CA HIS A 557 -15.03 -14.33 26.17
C HIS A 557 -16.49 -14.17 25.78
N ILE A 558 -16.80 -13.01 25.17
CA ILE A 558 -18.19 -12.66 24.91
C ILE A 558 -18.83 -13.65 23.95
N ILE A 559 -18.30 -13.73 22.73
CA ILE A 559 -18.73 -14.77 21.81
C ILE A 559 -17.90 -16.02 22.09
N PRO A 560 -18.53 -17.18 22.27
CA PRO A 560 -17.77 -18.38 22.69
C PRO A 560 -16.64 -18.70 21.73
N ARG A 561 -15.52 -19.14 22.30
CA ARG A 561 -14.41 -19.62 21.50
C ARG A 561 -14.81 -20.78 20.61
N SER A 562 -15.96 -21.41 20.86
CA SER A 562 -16.41 -22.53 20.06
C SER A 562 -16.61 -22.12 18.59
N VAL A 563 -17.18 -20.94 18.36
CA VAL A 563 -17.54 -20.51 17.02
C VAL A 563 -16.77 -19.28 16.59
N SER A 564 -16.57 -18.32 17.51
CA SER A 564 -16.01 -17.02 17.13
C SER A 564 -14.55 -17.13 16.70
N PHE A 565 -13.76 -17.94 17.40
CA PHE A 565 -12.31 -18.04 17.24
C PHE A 565 -11.60 -16.73 17.55
N ASP A 566 -12.31 -15.73 18.06
CA ASP A 566 -11.74 -14.41 18.31
C ASP A 566 -11.19 -14.38 19.73
N ASN A 567 -9.86 -14.26 19.84
CA ASN A 567 -9.20 -14.13 21.13
C ASN A 567 -8.63 -12.73 21.35
N SER A 568 -9.05 -11.76 20.53
CA SER A 568 -8.48 -10.43 20.57
C SER A 568 -8.95 -9.66 21.81
N PHE A 569 -8.34 -8.50 22.02
CA PHE A 569 -8.71 -7.66 23.15
C PHE A 569 -10.16 -7.22 23.07
N ASN A 570 -10.73 -7.20 21.86
CA ASN A 570 -12.11 -6.80 21.67
C ASN A 570 -13.09 -7.91 22.01
N ASN A 571 -12.65 -8.96 22.70
CA ASN A 571 -13.49 -10.12 22.97
C ASN A 571 -13.36 -10.59 24.41
N LYS A 572 -13.01 -9.71 25.33
CA LYS A 572 -12.83 -10.06 26.72
C LYS A 572 -13.60 -9.11 27.63
N VAL A 573 -14.18 -9.65 28.70
CA VAL A 573 -14.90 -8.87 29.70
C VAL A 573 -14.57 -9.43 31.08
N LEU A 574 -13.99 -8.59 31.93
CA LEU A 574 -13.69 -8.94 33.31
C LEU A 574 -14.98 -8.91 34.13
N VAL A 575 -15.43 -10.06 34.62
CA VAL A 575 -16.77 -10.20 35.19
C VAL A 575 -16.69 -11.01 36.48
N LYS A 576 -17.82 -11.03 37.19
CA LYS A 576 -17.91 -11.84 38.41
C LYS A 576 -17.83 -13.32 38.07
N GLN A 577 -17.36 -14.11 39.03
CA GLN A 577 -17.18 -15.54 38.79
C GLN A 577 -18.52 -16.22 38.54
N GLU A 578 -19.57 -15.81 39.25
CA GLU A 578 -20.88 -16.44 39.09
C GLU A 578 -21.45 -16.18 37.71
N GLU A 579 -21.26 -14.97 37.19
CA GLU A 579 -21.76 -14.65 35.85
C GLU A 579 -21.08 -15.52 34.80
N ASN A 580 -19.77 -15.72 34.93
CA ASN A 580 -19.06 -16.56 33.98
C ASN A 580 -19.47 -18.02 34.13
N SER A 581 -19.68 -18.47 35.36
CA SER A 581 -20.12 -19.85 35.59
C SER A 581 -21.51 -20.10 35.03
N LYS A 582 -22.37 -19.08 35.03
CA LYS A 582 -23.70 -19.22 34.45
C LYS A 582 -23.72 -18.95 32.96
N LYS A 583 -22.67 -18.34 32.40
CA LYS A 583 -22.64 -18.04 30.98
C LYS A 583 -22.33 -19.29 30.16
N GLY A 584 -21.16 -19.88 30.37
CA GLY A 584 -20.79 -21.07 29.62
C GLY A 584 -20.62 -20.78 28.15
N ASN A 585 -21.08 -21.72 27.31
CA ASN A 585 -21.03 -21.57 25.86
C ASN A 585 -22.24 -20.79 25.35
N ARG A 586 -22.45 -19.60 25.91
CA ARG A 586 -23.56 -18.76 25.54
C ARG A 586 -23.05 -17.36 25.20
N THR A 587 -23.83 -16.65 24.38
CA THR A 587 -23.58 -15.25 24.11
C THR A 587 -24.36 -14.39 25.12
N PRO A 588 -23.86 -13.19 25.41
CA PRO A 588 -24.60 -12.30 26.33
C PRO A 588 -26.05 -12.07 25.96
N PHE A 589 -26.40 -12.06 24.67
CA PHE A 589 -27.81 -12.01 24.31
C PHE A 589 -28.52 -13.30 24.71
N GLN A 590 -27.88 -14.44 24.46
CA GLN A 590 -28.46 -15.73 24.77
C GLN A 590 -28.44 -16.07 26.26
N TYR A 591 -27.72 -15.29 27.07
CA TYR A 591 -27.59 -15.55 28.50
C TYR A 591 -28.34 -14.54 29.36
N LEU A 592 -28.18 -13.24 29.08
CA LEU A 592 -28.71 -12.20 29.96
C LEU A 592 -30.23 -12.26 30.07
N SER A 593 -30.91 -12.74 29.03
CA SER A 593 -32.36 -12.84 29.09
C SER A 593 -32.85 -14.14 29.69
N SER A 594 -31.95 -15.10 29.97
CA SER A 594 -32.35 -16.38 30.52
C SER A 594 -32.45 -16.30 32.04
N SER A 595 -32.86 -17.42 32.65
CA SER A 595 -33.12 -17.43 34.10
C SER A 595 -31.84 -17.29 34.90
N ASP A 596 -30.77 -17.97 34.47
CA ASP A 596 -29.54 -18.02 35.25
C ASP A 596 -28.86 -16.67 35.39
N SER A 597 -29.31 -15.66 34.66
CA SER A 597 -28.56 -14.42 34.54
C SER A 597 -29.02 -13.36 35.52
N LYS A 598 -28.24 -12.28 35.55
CA LYS A 598 -28.51 -11.04 36.28
C LYS A 598 -29.41 -10.13 35.47
N ILE A 599 -29.31 -8.82 35.72
CA ILE A 599 -30.15 -7.78 35.14
C ILE A 599 -30.42 -8.00 33.65
N SER A 600 -31.62 -7.64 33.21
CA SER A 600 -32.11 -7.97 31.88
C SER A 600 -31.31 -7.22 30.81
N TYR A 601 -31.69 -7.47 29.55
CA TYR A 601 -30.89 -7.08 28.39
C TYR A 601 -31.07 -5.63 27.98
N GLU A 602 -32.21 -5.00 28.28
CA GLU A 602 -32.38 -3.61 27.89
C GLU A 602 -31.48 -2.68 28.69
N THR A 603 -31.36 -2.92 30.00
CA THR A 603 -30.44 -2.13 30.81
C THR A 603 -29.01 -2.30 30.33
N PHE A 604 -28.62 -3.55 30.02
CA PHE A 604 -27.28 -3.78 29.50
C PHE A 604 -27.07 -3.10 28.15
N LYS A 605 -28.09 -3.13 27.29
CA LYS A 605 -27.96 -2.47 25.99
C LYS A 605 -27.77 -0.97 26.16
N LYS A 606 -28.54 -0.35 27.05
CA LYS A 606 -28.36 1.07 27.34
C LYS A 606 -26.95 1.33 27.85
N HIS A 607 -26.49 0.53 28.81
CA HIS A 607 -25.16 0.74 29.39
C HIS A 607 -24.07 0.60 28.34
N ILE A 608 -24.16 -0.42 27.48
CA ILE A 608 -23.09 -0.66 26.52
C ILE A 608 -23.13 0.33 25.36
N LEU A 609 -24.32 0.79 24.96
CA LEU A 609 -24.37 1.81 23.91
C LEU A 609 -23.93 3.17 24.45
N ASN A 610 -24.12 3.42 25.75
CA ASN A 610 -23.59 4.64 26.34
C ASN A 610 -22.08 4.56 26.56
N LEU A 611 -21.57 3.35 26.82
CA LEU A 611 -20.12 3.18 26.97
C LEU A 611 -19.40 3.22 25.63
N ALA A 612 -20.03 2.71 24.57
CA ALA A 612 -19.43 2.79 23.24
C ALA A 612 -19.32 4.24 22.76
N LYS A 613 -20.27 5.08 23.14
CA LYS A 613 -20.19 6.51 22.85
C LYS A 613 -19.30 7.25 23.84
N GLY A 614 -18.82 6.58 24.88
CA GLY A 614 -18.04 7.23 25.92
C GLY A 614 -16.54 7.10 25.77
N LYS A 615 -15.90 8.16 25.30
CA LYS A 615 -14.45 8.28 25.23
C LYS A 615 -13.81 7.18 24.38
N GLY A 616 -14.57 6.56 23.49
CA GLY A 616 -14.04 5.49 22.67
C GLY A 616 -13.47 4.33 23.45
N ARG A 617 -14.06 4.02 24.62
CA ARG A 617 -13.54 2.94 25.44
C ARG A 617 -13.89 1.56 24.90
N ILE A 618 -14.88 1.47 24.02
CA ILE A 618 -15.32 0.20 23.45
C ILE A 618 -15.08 0.22 21.95
N SER A 619 -14.36 -0.77 21.45
CA SER A 619 -14.15 -0.90 20.01
C SER A 619 -15.47 -1.24 19.31
N LYS A 620 -15.52 -0.93 18.01
CA LYS A 620 -16.70 -1.27 17.23
C LYS A 620 -16.89 -2.78 17.17
N THR A 621 -15.80 -3.53 17.03
CA THR A 621 -15.89 -4.98 17.00
C THR A 621 -16.45 -5.52 18.31
N LYS A 622 -15.96 -5.00 19.44
CA LYS A 622 -16.47 -5.45 20.73
C LYS A 622 -17.93 -5.04 20.91
N LYS A 623 -18.29 -3.83 20.47
CA LYS A 623 -19.67 -3.38 20.59
C LYS A 623 -20.60 -4.28 19.79
N GLU A 624 -20.17 -4.72 18.59
CA GLU A 624 -20.98 -5.66 17.82
C GLU A 624 -20.99 -7.03 18.47
N TYR A 625 -19.89 -7.42 19.12
CA TYR A 625 -19.85 -8.71 19.81
C TYR A 625 -20.88 -8.77 20.92
N LEU A 626 -20.92 -7.72 21.76
CA LEU A 626 -21.77 -7.78 22.94
C LEU A 626 -23.24 -7.85 22.59
N LEU A 627 -23.62 -7.28 21.44
CA LEU A 627 -25.03 -7.17 21.04
C LEU A 627 -25.39 -8.15 19.92
N GLU A 628 -24.73 -9.31 19.89
CA GLU A 628 -25.04 -10.30 18.87
C GLU A 628 -26.36 -10.99 19.19
N GLU A 629 -27.46 -10.45 18.63
CA GLU A 629 -28.78 -10.99 18.84
C GLU A 629 -29.11 -12.12 17.87
N ARG A 630 -28.10 -12.72 17.26
CA ARG A 630 -28.28 -13.79 16.30
C ARG A 630 -28.07 -15.15 16.95
N ASP A 631 -28.61 -16.18 16.31
CA ASP A 631 -28.45 -17.55 16.77
C ASP A 631 -27.14 -18.10 16.23
N ILE A 632 -26.14 -18.25 17.09
CA ILE A 632 -24.86 -18.81 16.68
C ILE A 632 -24.96 -20.28 16.32
N ASN A 633 -26.12 -20.90 16.54
CA ASN A 633 -26.30 -22.30 16.17
C ASN A 633 -26.60 -22.48 14.69
N ARG A 634 -26.95 -21.40 13.98
CA ARG A 634 -27.09 -21.48 12.53
C ARG A 634 -25.73 -21.66 11.87
N PHE A 635 -25.75 -22.03 10.59
CA PHE A 635 -24.51 -22.17 9.84
C PHE A 635 -24.03 -20.83 9.31
N SER A 636 -24.95 -19.91 9.05
CA SER A 636 -24.57 -18.63 8.47
C SER A 636 -23.71 -17.82 9.43
N VAL A 637 -24.04 -17.85 10.72
CA VAL A 637 -23.29 -17.03 11.68
C VAL A 637 -21.89 -17.61 11.90
N GLN A 638 -21.78 -18.93 11.98
CA GLN A 638 -20.45 -19.55 12.07
C GLN A 638 -19.64 -19.25 10.82
N LYS A 639 -20.27 -19.27 9.65
CA LYS A 639 -19.57 -18.95 8.41
C LYS A 639 -19.03 -17.52 8.45
N ASP A 640 -19.89 -16.58 8.86
CA ASP A 640 -19.46 -15.18 8.96
C ASP A 640 -18.29 -15.04 9.93
N PHE A 641 -18.40 -15.66 11.11
CA PHE A 641 -17.35 -15.53 12.12
C PHE A 641 -16.03 -16.11 11.63
N ILE A 642 -16.07 -17.30 11.04
CA ILE A 642 -14.84 -17.95 10.61
C ILE A 642 -14.22 -17.20 9.42
N ASN A 643 -15.07 -16.70 8.51
CA ASN A 643 -14.53 -15.94 7.39
C ASN A 643 -13.90 -14.64 7.86
N ARG A 644 -14.49 -14.00 8.88
CA ARG A 644 -13.96 -12.72 9.33
C ARG A 644 -12.67 -12.90 10.13
N ASN A 645 -12.72 -13.68 11.21
CA ASN A 645 -11.65 -13.72 12.19
C ASN A 645 -10.76 -14.95 12.07
N LEU A 646 -10.90 -15.74 11.01
CA LEU A 646 -10.05 -16.90 10.80
C LEU A 646 -9.49 -17.02 9.39
N VAL A 647 -10.13 -16.42 8.39
CA VAL A 647 -9.65 -16.46 7.02
C VAL A 647 -9.25 -15.06 6.60
N ASP A 648 -8.24 -14.98 5.74
CA ASP A 648 -7.70 -13.70 5.29
C ASP A 648 -8.63 -13.15 4.21
N THR A 649 -9.52 -12.23 4.60
CA THR A 649 -10.46 -11.62 3.67
C THR A 649 -9.83 -10.49 2.85
N ARG A 650 -8.56 -10.16 3.07
CA ARG A 650 -7.91 -9.12 2.29
C ARG A 650 -7.80 -9.55 0.83
N TYR A 651 -7.89 -8.55 -0.07
CA TYR A 651 -8.01 -8.86 -1.50
C TYR A 651 -6.77 -9.57 -2.03
N ALA A 652 -5.58 -9.25 -1.50
CA ALA A 652 -4.36 -9.88 -1.99
C ALA A 652 -4.36 -11.38 -1.74
N THR A 653 -4.58 -11.76 -0.48
CA THR A 653 -4.68 -13.17 -0.16
C THR A 653 -5.86 -13.82 -0.87
N ARG A 654 -6.96 -13.09 -1.03
CA ARG A 654 -8.09 -13.62 -1.76
C ARG A 654 -7.71 -14.01 -3.17
N GLY A 655 -6.98 -13.13 -3.87
CA GLY A 655 -6.58 -13.42 -5.23
C GLY A 655 -5.58 -14.54 -5.32
N LEU A 656 -4.61 -14.58 -4.40
CA LEU A 656 -3.64 -15.67 -4.40
C LEU A 656 -4.33 -17.01 -4.19
N MET A 657 -5.23 -17.07 -3.22
CA MET A 657 -6.03 -18.27 -2.99
C MET A 657 -6.78 -18.66 -4.26
N ASN A 658 -7.64 -17.76 -4.75
CA ASN A 658 -8.43 -18.04 -5.95
C ASN A 658 -7.57 -18.58 -7.09
N LEU A 659 -6.39 -17.99 -7.29
CA LEU A 659 -5.50 -18.47 -8.36
C LEU A 659 -5.07 -19.92 -8.10
N LEU A 660 -4.59 -20.20 -6.87
CA LEU A 660 -4.11 -21.55 -6.57
C LEU A 660 -5.23 -22.59 -6.67
N ARG A 661 -6.40 -22.27 -6.11
CA ARG A 661 -7.54 -23.18 -6.17
C ARG A 661 -8.00 -23.40 -7.60
N SER A 662 -8.01 -22.35 -8.41
CA SER A 662 -8.44 -22.49 -9.80
C SER A 662 -7.47 -23.36 -10.58
N TYR A 663 -6.16 -23.16 -10.40
CA TYR A 663 -5.19 -24.00 -11.11
C TYR A 663 -5.29 -25.44 -10.66
N PHE A 664 -5.52 -25.68 -9.37
CA PHE A 664 -5.62 -27.04 -8.89
C PHE A 664 -6.91 -27.72 -9.34
N ARG A 665 -7.98 -26.94 -9.51
CA ARG A 665 -9.26 -27.54 -9.91
C ARG A 665 -9.35 -27.72 -11.41
N VAL A 666 -8.65 -26.91 -12.20
CA VAL A 666 -8.71 -27.06 -13.64
C VAL A 666 -8.14 -28.41 -14.06
N ASN A 667 -7.00 -28.79 -13.48
CA ASN A 667 -6.40 -30.08 -13.77
C ASN A 667 -7.01 -31.21 -12.94
N ASN A 668 -8.14 -30.96 -12.29
CA ASN A 668 -8.87 -31.95 -11.48
C ASN A 668 -8.01 -32.57 -10.38
N LEU A 669 -6.92 -31.89 -10.01
CA LEU A 669 -6.05 -32.35 -8.93
C LEU A 669 -6.67 -31.97 -7.60
N ASP A 670 -7.19 -32.94 -6.86
CA ASP A 670 -7.89 -32.66 -5.62
C ASP A 670 -6.89 -32.25 -4.54
N VAL A 671 -6.67 -30.94 -4.41
CA VAL A 671 -5.78 -30.38 -3.40
C VAL A 671 -6.50 -29.21 -2.74
N LYS A 672 -6.46 -29.18 -1.41
CA LYS A 672 -7.17 -28.17 -0.63
C LYS A 672 -6.18 -27.15 -0.11
N VAL A 673 -6.44 -25.88 -0.39
CA VAL A 673 -5.61 -24.76 0.07
C VAL A 673 -6.48 -23.83 0.90
N LYS A 674 -5.88 -23.26 1.94
CA LYS A 674 -6.60 -22.41 2.89
C LYS A 674 -5.70 -21.28 3.34
N SER A 675 -6.33 -20.21 3.82
CA SER A 675 -5.64 -19.05 4.36
C SER A 675 -6.13 -18.81 5.78
N ILE A 676 -5.24 -18.30 6.63
CA ILE A 676 -5.48 -18.20 8.06
C ILE A 676 -5.23 -16.76 8.51
N ASN A 677 -6.07 -16.28 9.42
CA ASN A 677 -5.93 -14.92 9.95
C ASN A 677 -4.69 -14.81 10.82
N GLY A 678 -4.12 -13.60 10.86
CA GLY A 678 -2.86 -13.41 11.56
C GLY A 678 -2.98 -13.44 13.06
N GLY A 679 -4.05 -12.84 13.61
CA GLY A 679 -4.20 -12.80 15.05
C GLY A 679 -4.38 -14.16 15.67
N PHE A 680 -5.01 -15.09 14.94
CA PHE A 680 -5.17 -16.44 15.44
C PHE A 680 -3.81 -17.13 15.56
N THR A 681 -2.97 -17.03 14.53
CA THR A 681 -1.63 -17.59 14.62
C THR A 681 -0.81 -16.88 15.70
N SER A 682 -1.07 -15.60 15.94
CA SER A 682 -0.39 -14.89 17.02
C SER A 682 -0.76 -15.48 18.37
N PHE A 683 -2.06 -15.71 18.60
CA PHE A 683 -2.50 -16.34 19.84
C PHE A 683 -1.90 -17.73 20.00
N LEU A 684 -1.82 -18.47 18.89
CA LEU A 684 -1.21 -19.80 18.93
C LEU A 684 0.25 -19.73 19.34
N ARG A 685 1.03 -18.91 18.64
CA ARG A 685 2.45 -18.77 18.97
C ARG A 685 2.65 -18.28 20.40
N ARG A 686 1.71 -17.49 20.92
CA ARG A 686 1.84 -16.99 22.29
C ARG A 686 1.58 -18.10 23.30
N LYS A 687 0.42 -18.75 23.21
CA LYS A 687 0.06 -19.76 24.22
C LYS A 687 0.88 -21.03 24.07
N TRP A 688 1.49 -21.27 22.92
CA TRP A 688 2.41 -22.39 22.76
C TRP A 688 3.78 -22.12 23.34
N LYS A 689 4.16 -20.84 23.46
CA LYS A 689 5.51 -20.45 23.83
C LYS A 689 6.54 -21.10 22.90
N PHE A 690 6.21 -21.12 21.60
CA PHE A 690 7.16 -21.63 20.62
C PHE A 690 8.45 -20.82 20.64
N LYS A 691 8.33 -19.50 20.54
CA LYS A 691 9.46 -18.60 20.77
C LYS A 691 8.88 -17.25 21.13
N LYS A 692 8.97 -16.88 22.41
CA LYS A 692 8.40 -15.60 22.84
C LYS A 692 9.15 -14.42 22.22
N GLU A 693 10.48 -14.48 22.17
CA GLU A 693 11.30 -13.44 21.58
C GLU A 693 11.99 -13.98 20.34
N ARG A 694 11.95 -13.21 19.26
CA ARG A 694 12.50 -13.62 17.98
C ARG A 694 13.66 -12.69 17.61
N ASN A 695 14.88 -13.20 17.78
CA ASN A 695 16.07 -12.48 17.35
C ASN A 695 17.11 -13.41 16.74
N LYS A 696 16.78 -14.69 16.57
CA LYS A 696 17.75 -15.65 16.05
C LYS A 696 18.10 -15.37 14.60
N GLY A 697 17.18 -14.79 13.83
CA GLY A 697 17.49 -14.46 12.45
C GLY A 697 16.43 -14.88 11.45
N TYR A 698 16.87 -15.29 10.27
CA TYR A 698 15.93 -15.61 9.19
C TYR A 698 15.06 -16.82 9.52
N LYS A 699 15.57 -17.71 10.37
CA LYS A 699 14.87 -18.95 10.68
C LYS A 699 13.44 -18.70 11.15
N HIS A 700 13.19 -17.58 11.84
CA HIS A 700 11.85 -17.26 12.33
C HIS A 700 10.82 -17.35 11.21
N HIS A 701 11.17 -16.84 10.03
CA HIS A 701 10.22 -16.82 8.92
C HIS A 701 9.74 -18.22 8.57
N ALA A 702 10.62 -19.22 8.68
CA ALA A 702 10.17 -20.58 8.45
C ALA A 702 9.32 -21.08 9.61
N GLU A 703 9.72 -20.75 10.84
CA GLU A 703 9.08 -21.30 12.03
C GLU A 703 7.57 -21.12 11.99
N ASP A 704 7.12 -19.87 11.89
CA ASP A 704 5.69 -19.59 11.86
C ASP A 704 4.99 -20.45 10.79
N ALA A 705 5.61 -20.59 9.62
CA ALA A 705 5.06 -21.45 8.57
C ALA A 705 4.80 -22.85 9.11
N LEU A 706 5.85 -23.49 9.63
CA LEU A 706 5.67 -24.78 10.29
C LEU A 706 4.51 -24.72 11.27
N ILE A 707 4.48 -23.68 12.10
CA ILE A 707 3.42 -23.54 13.09
C ILE A 707 2.05 -23.64 12.43
N ILE A 708 1.82 -22.83 11.40
CA ILE A 708 0.48 -22.82 10.82
C ILE A 708 0.21 -24.14 10.12
N ALA A 709 1.25 -24.82 9.64
CA ALA A 709 1.08 -26.18 9.15
C ALA A 709 0.44 -27.04 10.23
N ASN A 710 1.03 -27.04 11.43
CA ASN A 710 0.43 -27.75 12.56
C ASN A 710 -1.01 -27.30 12.77
N ALA A 711 -1.27 -26.00 12.59
CA ALA A 711 -2.64 -25.50 12.68
C ALA A 711 -3.56 -26.26 11.76
N ASP A 712 -3.21 -26.33 10.47
CA ASP A 712 -4.00 -27.12 9.53
C ASP A 712 -4.11 -28.56 10.01
N PHE A 713 -3.03 -29.10 10.57
CA PHE A 713 -3.06 -30.45 11.13
C PHE A 713 -4.21 -30.60 12.12
N ILE A 714 -4.35 -29.64 13.04
CA ILE A 714 -5.38 -29.74 14.06
C ILE A 714 -6.76 -29.72 13.44
N PHE A 715 -6.92 -29.04 12.31
CA PHE A 715 -8.23 -28.98 11.66
C PHE A 715 -8.56 -30.23 10.86
N LYS A 716 -7.71 -31.26 10.92
CA LYS A 716 -8.02 -32.54 10.31
C LYS A 716 -8.21 -33.66 11.32
N GLU A 717 -7.80 -33.46 12.57
CA GLU A 717 -7.72 -34.53 13.55
C GLU A 717 -8.96 -34.64 14.43
N TRP A 718 -9.94 -33.76 14.25
CA TRP A 718 -11.15 -33.80 15.07
C TRP A 718 -12.37 -33.67 14.17
N LYS A 719 -13.27 -34.65 14.25
CA LYS A 719 -14.47 -34.65 13.42
C LYS A 719 -15.34 -33.43 13.70
N LYS A 720 -15.33 -32.94 14.94
CA LYS A 720 -16.12 -31.75 15.27
C LYS A 720 -15.65 -30.52 14.49
N LEU A 721 -14.33 -30.33 14.40
CA LEU A 721 -13.77 -29.15 13.75
C LEU A 721 -13.92 -29.17 12.23
N ASP A 722 -14.40 -30.28 11.66
CA ASP A 722 -14.48 -30.43 10.21
C ASP A 722 -15.22 -29.26 9.56
N LYS A 723 -16.28 -28.77 10.22
CA LYS A 723 -17.03 -27.65 9.67
C LYS A 723 -16.10 -26.47 9.39
N ALA A 724 -15.26 -26.10 10.36
CA ALA A 724 -14.27 -25.06 10.11
C ALA A 724 -13.35 -25.45 8.96
N LYS A 725 -12.90 -26.70 8.92
CA LYS A 725 -12.08 -27.17 7.81
C LYS A 725 -12.83 -27.06 6.49
N LYS A 726 -14.16 -27.16 6.52
CA LYS A 726 -14.97 -27.01 5.31
C LYS A 726 -15.32 -25.57 5.00
N VAL A 727 -15.03 -24.64 5.91
CA VAL A 727 -15.25 -23.22 5.68
C VAL A 727 -13.96 -22.51 5.30
N MET A 728 -12.84 -22.90 5.92
CA MET A 728 -11.55 -22.31 5.60
C MET A 728 -11.08 -22.66 4.19
N GLU A 729 -11.71 -23.63 3.54
CA GLU A 729 -11.35 -24.03 2.18
C GLU A 729 -12.48 -23.82 1.18
N ASN A 730 -13.66 -23.40 1.63
CA ASN A 730 -14.85 -23.25 0.77
C ASN A 730 -15.14 -24.56 0.05
N GLN A 731 -15.18 -25.65 0.80
CA GLN A 731 -15.57 -26.95 0.29
C GLN A 731 -17.02 -27.20 0.67
N MET A 732 -17.83 -27.64 -0.30
CA MET A 732 -19.27 -27.76 -0.08
C MET A 732 -19.57 -28.78 1.00
N PHE A 733 -20.38 -28.37 1.99
CA PHE A 733 -20.84 -29.24 3.05
C PHE A 733 -22.28 -29.65 2.77
N GLU A 734 -22.58 -30.94 2.93
CA GLU A 734 -23.90 -31.47 2.63
C GLU A 734 -24.98 -30.85 3.51
N ALA A 738 -27.25 -28.98 6.04
CA ALA A 738 -27.96 -28.90 7.31
C ALA A 738 -27.34 -29.85 8.33
N GLU A 739 -26.18 -30.42 7.97
CA GLU A 739 -25.53 -31.49 8.72
C GLU A 739 -25.40 -31.20 10.22
N SER A 740 -24.57 -30.23 10.60
CA SER A 740 -24.44 -29.74 11.97
C SER A 740 -24.44 -30.84 13.04
N MET A 741 -23.88 -32.00 12.74
CA MET A 741 -23.93 -33.09 13.71
C MET A 741 -22.78 -33.04 14.71
N PRO A 742 -21.50 -32.94 14.27
CA PRO A 742 -20.41 -32.83 15.25
C PRO A 742 -20.06 -31.38 15.58
N GLU A 743 -19.61 -31.11 16.79
CA GLU A 743 -19.31 -29.74 17.18
C GLU A 743 -18.40 -29.73 18.40
N ILE A 744 -17.83 -28.55 18.65
CA ILE A 744 -17.05 -28.26 19.85
C ILE A 744 -17.85 -27.27 20.68
N GLU A 745 -18.08 -27.61 21.96
CA GLU A 745 -19.06 -26.90 22.76
C GLU A 745 -18.44 -26.08 23.89
N THR A 746 -17.73 -26.72 24.83
CA THR A 746 -17.20 -26.00 25.97
C THR A 746 -15.92 -25.29 25.60
N GLU A 747 -15.76 -24.06 26.08
CA GLU A 747 -14.53 -23.32 25.81
C GLU A 747 -13.30 -24.07 26.33
N GLN A 748 -13.49 -24.92 27.34
CA GLN A 748 -12.41 -25.81 27.75
C GLN A 748 -12.05 -26.79 26.64
N GLU A 749 -13.03 -27.19 25.81
CA GLU A 749 -12.71 -28.01 24.65
C GLU A 749 -11.82 -27.23 23.68
N TYR A 750 -12.10 -25.94 23.51
CA TYR A 750 -11.20 -25.09 22.71
C TYR A 750 -9.79 -25.09 23.29
N LYS A 751 -9.68 -24.90 24.61
CA LYS A 751 -8.37 -24.89 25.25
C LYS A 751 -7.65 -26.21 25.05
N GLU A 752 -8.38 -27.33 25.11
CA GLU A 752 -7.74 -28.64 24.97
C GLU A 752 -7.30 -28.89 23.53
N ILE A 753 -8.14 -28.54 22.56
CA ILE A 753 -7.80 -28.85 21.17
C ILE A 753 -6.71 -27.93 20.66
N PHE A 754 -6.66 -26.68 21.12
CA PHE A 754 -5.81 -25.68 20.51
C PHE A 754 -4.57 -25.36 21.34
N ILE A 755 -4.74 -25.07 22.63
CA ILE A 755 -3.62 -24.60 23.44
C ILE A 755 -2.60 -25.72 23.69
N THR A 756 -3.07 -26.96 23.78
CA THR A 756 -2.21 -28.08 24.14
C THR A 756 -1.04 -28.19 23.18
N PRO A 757 0.21 -28.08 23.66
CA PRO A 757 1.36 -28.12 22.75
C PRO A 757 1.65 -29.50 22.19
N HIS A 758 0.91 -29.91 21.16
CA HIS A 758 1.08 -31.21 20.55
C HIS A 758 2.19 -31.17 19.51
N GLN A 759 3.26 -31.92 19.73
CA GLN A 759 4.40 -32.00 18.81
C GLN A 759 5.09 -30.65 18.67
N ILE A 760 5.15 -29.91 19.77
CA ILE A 760 5.79 -28.60 19.74
C ILE A 760 7.30 -28.72 19.91
N LYS A 761 7.77 -29.70 20.69
CA LYS A 761 9.20 -29.83 20.95
C LYS A 761 9.97 -30.12 19.65
N HIS A 762 9.41 -30.97 18.79
CA HIS A 762 10.08 -31.28 17.52
CA HIS A 762 10.08 -31.28 17.52
C HIS A 762 10.15 -30.04 16.63
N ILE A 763 9.21 -29.11 16.78
CA ILE A 763 9.28 -27.88 15.99
C ILE A 763 10.27 -26.90 16.59
N LYS A 764 10.42 -26.91 17.92
CA LYS A 764 11.46 -26.10 18.55
C LYS A 764 12.85 -26.59 18.16
N ASP A 765 13.17 -27.83 18.51
CA ASP A 765 14.51 -28.40 18.44
C ASP A 765 15.02 -28.64 17.00
N PHE A 766 14.29 -28.24 15.96
CA PHE A 766 14.80 -28.42 14.61
C PHE A 766 16.00 -27.52 14.36
N LYS A 767 17.06 -28.09 13.80
CA LYS A 767 18.29 -27.36 13.54
C LYS A 767 18.81 -27.59 12.13
N ASP A 768 17.97 -28.09 11.22
CA ASP A 768 18.39 -28.35 9.85
C ASP A 768 17.54 -27.56 8.86
N TYR A 769 17.35 -26.27 9.13
CA TYR A 769 16.63 -25.41 8.20
C TYR A 769 17.45 -25.20 6.92
N LYS A 770 16.84 -24.50 5.96
CA LYS A 770 17.50 -24.17 4.71
C LYS A 770 17.24 -22.71 4.38
N TYR A 771 18.13 -22.13 3.58
CA TYR A 771 18.04 -20.73 3.20
C TYR A 771 18.41 -20.56 1.73
N SER A 772 17.63 -19.76 1.02
CA SER A 772 17.85 -19.48 -0.39
C SER A 772 17.85 -17.97 -0.61
N HIS A 773 18.88 -17.47 -1.29
CA HIS A 773 19.03 -16.04 -1.52
C HIS A 773 18.78 -15.71 -3.00
N ARG A 774 18.33 -14.47 -3.22
CA ARG A 774 17.98 -14.00 -4.55
C ARG A 774 19.17 -13.29 -5.18
N VAL A 775 19.38 -13.53 -6.47
CA VAL A 775 20.51 -12.98 -7.20
C VAL A 775 19.97 -11.97 -8.21
N ASP A 776 20.43 -10.72 -8.09
CA ASP A 776 20.08 -9.66 -9.03
C ASP A 776 21.21 -9.55 -10.06
N LYS A 777 20.94 -10.01 -11.27
CA LYS A 777 21.93 -9.96 -12.34
C LYS A 777 21.58 -8.98 -13.45
N LYS A 778 20.49 -8.24 -13.32
CA LYS A 778 20.09 -7.33 -14.39
C LYS A 778 21.07 -6.19 -14.51
N PRO A 779 21.76 -6.04 -15.63
CA PRO A 779 22.66 -4.89 -15.81
C PRO A 779 21.88 -3.61 -16.09
N ASN A 780 22.61 -2.54 -16.42
CA ASN A 780 22.01 -1.23 -16.69
C ASN A 780 21.21 -0.73 -15.48
N ARG A 781 21.82 -0.86 -14.30
CA ARG A 781 21.27 -0.31 -13.08
C ARG A 781 21.67 1.17 -13.00
N GLU A 782 21.48 1.78 -11.83
CA GLU A 782 21.94 3.15 -11.62
C GLU A 782 23.44 3.22 -11.87
N LEU A 783 23.85 3.92 -12.93
CA LEU A 783 25.25 3.94 -13.31
C LEU A 783 26.07 4.88 -12.44
N ILE A 784 25.70 6.16 -12.43
CA ILE A 784 26.45 7.20 -11.75
C ILE A 784 25.49 8.02 -10.90
N ASN A 785 26.04 8.75 -9.93
CA ASN A 785 25.23 9.69 -9.17
C ASN A 785 24.83 10.86 -10.06
N ASP A 786 23.57 11.29 -9.90
CA ASP A 786 22.98 12.15 -10.92
C ASP A 786 23.59 13.55 -10.90
N THR A 787 23.87 14.10 -9.72
CA THR A 787 24.36 15.47 -9.64
C THR A 787 25.72 15.60 -10.31
N LEU A 788 25.94 16.77 -10.90
CA LEU A 788 27.15 17.06 -11.68
C LEU A 788 28.03 18.02 -10.91
N TYR A 789 29.35 17.77 -10.93
CA TYR A 789 30.29 18.52 -10.13
C TYR A 789 31.41 19.07 -10.98
N SER A 790 31.98 20.18 -10.50
CA SER A 790 33.17 20.79 -11.09
C SER A 790 34.37 20.54 -10.19
N THR A 791 35.55 20.71 -10.76
CA THR A 791 36.79 20.49 -10.02
C THR A 791 37.73 21.67 -10.20
N ARG A 792 38.50 21.92 -9.15
CA ARG A 792 39.56 22.91 -9.16
C ARG A 792 40.83 22.23 -8.68
N LYS A 793 41.94 22.49 -9.37
CA LYS A 793 43.23 21.92 -9.02
C LYS A 793 44.04 22.94 -8.24
N ASP A 794 44.20 22.68 -6.94
CA ASP A 794 44.90 23.62 -6.07
C ASP A 794 46.41 23.39 -6.13
N ASP A 795 47.14 24.14 -5.29
CA ASP A 795 48.60 24.01 -5.25
C ASP A 795 49.02 22.60 -4.86
N LYS A 796 48.36 22.03 -3.85
CA LYS A 796 48.54 20.61 -3.58
C LYS A 796 48.06 19.81 -4.78
N GLY A 797 48.88 18.83 -5.19
CA GLY A 797 48.63 18.14 -6.45
C GLY A 797 47.27 17.50 -6.55
N ASN A 798 46.66 17.14 -5.42
CA ASN A 798 45.35 16.51 -5.43
C ASN A 798 44.30 17.47 -6.00
N THR A 799 43.42 16.95 -6.85
CA THR A 799 42.31 17.70 -7.40
C THR A 799 41.21 17.86 -6.35
N LEU A 800 40.41 18.90 -6.46
CA LEU A 800 39.38 19.18 -5.46
C LEU A 800 38.02 19.35 -6.11
N ILE A 801 37.01 18.74 -5.49
CA ILE A 801 35.63 18.80 -5.96
C ILE A 801 34.96 20.03 -5.35
N VAL A 802 34.22 20.76 -6.16
CA VAL A 802 33.54 21.98 -5.75
C VAL A 802 32.08 21.65 -5.47
N ASN A 803 31.64 21.90 -4.24
CA ASN A 803 30.24 21.76 -3.85
C ASN A 803 29.59 23.14 -3.82
N ASN A 804 28.32 23.19 -4.20
CA ASN A 804 27.58 24.43 -4.26
C ASN A 804 26.73 24.61 -3.00
N LEU A 805 26.50 25.87 -2.64
CA LEU A 805 25.69 26.23 -1.49
C LEU A 805 24.56 27.10 -1.97
N ASN A 806 23.33 26.60 -1.85
CA ASN A 806 22.12 27.25 -2.31
C ASN A 806 21.42 27.94 -1.15
N GLY A 807 20.27 28.54 -1.46
CA GLY A 807 19.34 29.07 -0.48
C GLY A 807 19.96 29.80 0.69
N LEU A 808 20.70 30.86 0.40
CA LEU A 808 21.38 31.59 1.47
C LEU A 808 20.42 32.45 2.29
N TYR A 809 19.11 32.37 2.13
CA TYR A 809 18.17 33.24 2.82
C TYR A 809 17.00 32.45 3.39
N ASP A 810 17.29 31.25 3.88
CA ASP A 810 16.34 30.49 4.68
C ASP A 810 16.60 30.79 6.15
N LYS A 811 15.90 30.10 7.04
CA LYS A 811 16.05 30.36 8.47
C LYS A 811 16.74 29.24 9.23
N ASP A 812 16.63 28.00 8.76
CA ASP A 812 17.26 26.85 9.41
C ASP A 812 18.42 26.31 8.58
N ASN A 813 19.16 27.21 7.93
CA ASN A 813 20.32 26.86 7.12
C ASN A 813 21.53 27.59 7.71
N ASP A 814 22.15 26.99 8.73
CA ASP A 814 23.34 27.53 9.35
C ASP A 814 24.62 26.99 8.72
N LYS A 815 24.52 26.46 7.50
CA LYS A 815 25.69 25.87 6.85
C LYS A 815 26.75 26.92 6.54
N LEU A 816 26.31 28.13 6.19
CA LEU A 816 27.27 29.19 5.90
C LEU A 816 28.01 29.62 7.15
N LYS A 817 27.29 29.77 8.26
CA LYS A 817 27.94 30.08 9.53
C LYS A 817 28.88 28.96 9.95
N LYS A 818 28.47 27.71 9.73
CA LYS A 818 29.33 26.57 10.02
C LYS A 818 30.63 26.64 9.22
N LEU A 819 30.52 26.93 7.92
CA LEU A 819 31.70 26.99 7.07
C LEU A 819 32.62 28.15 7.46
N ILE A 820 32.04 29.28 7.89
CA ILE A 820 32.86 30.43 8.24
C ILE A 820 33.51 30.24 9.61
N ASN A 821 32.87 29.50 10.52
CA ASN A 821 33.43 29.33 11.85
C ASN A 821 34.36 28.13 11.98
N LYS A 822 34.18 27.10 11.15
CA LYS A 822 35.03 25.92 11.25
C LYS A 822 36.36 26.13 10.55
N SER A 823 36.33 26.35 9.23
CA SER A 823 37.51 26.62 8.44
C SER A 823 37.11 27.40 7.19
N PRO A 824 37.28 28.72 7.19
CA PRO A 824 36.77 29.53 6.07
C PRO A 824 37.53 29.34 4.78
N GLU A 825 38.71 28.70 4.80
CA GLU A 825 39.48 28.53 3.58
C GLU A 825 38.83 27.55 2.60
N LYS A 826 37.75 26.89 2.99
CA LYS A 826 37.05 26.02 2.06
C LYS A 826 36.23 26.82 1.06
N LEU A 827 35.81 28.03 1.43
CA LEU A 827 35.10 28.89 0.48
C LEU A 827 36.04 29.36 -0.61
N LEU A 828 35.48 29.62 -1.79
CA LEU A 828 36.28 30.07 -2.91
C LEU A 828 36.49 31.58 -2.91
N MET A 829 35.57 32.34 -2.31
CA MET A 829 35.78 33.78 -2.22
C MET A 829 36.89 34.15 -1.26
N TYR A 830 37.38 33.21 -0.45
CA TYR A 830 38.55 33.48 0.38
C TYR A 830 39.77 33.73 -0.49
N HIS A 831 39.98 32.88 -1.50
CA HIS A 831 41.16 32.94 -2.33
C HIS A 831 41.03 33.91 -3.51
N HIS A 832 39.81 34.17 -3.99
CA HIS A 832 39.62 34.93 -5.22
C HIS A 832 38.79 36.19 -5.06
N ASP A 833 38.35 36.53 -3.84
CA ASP A 833 37.56 37.74 -3.60
C ASP A 833 37.58 38.11 -2.12
N PRO A 834 38.74 38.49 -1.57
CA PRO A 834 38.83 38.65 -0.11
C PRO A 834 38.03 39.82 0.43
N GLN A 835 37.72 40.84 -0.37
CA GLN A 835 36.98 41.98 0.16
C GLN A 835 35.52 41.60 0.44
N THR A 836 34.88 40.91 -0.50
CA THR A 836 33.53 40.43 -0.26
C THR A 836 33.50 39.43 0.89
N TYR A 837 34.56 38.64 1.04
CA TYR A 837 34.65 37.72 2.18
C TYR A 837 34.75 38.49 3.49
N GLN A 838 35.48 39.60 3.50
CA GLN A 838 35.56 40.43 4.70
C GLN A 838 34.21 41.03 5.03
N LYS A 839 33.48 41.48 4.01
CA LYS A 839 32.13 42.01 4.24
C LYS A 839 31.21 40.94 4.80
N LEU A 840 31.26 39.74 4.24
CA LEU A 840 30.44 38.64 4.74
C LEU A 840 30.82 38.29 6.17
N LYS A 841 32.11 38.29 6.49
CA LYS A 841 32.54 37.98 7.87
C LYS A 841 32.09 39.07 8.84
N LEU A 842 32.08 40.33 8.38
CA LEU A 842 31.53 41.40 9.21
C LEU A 842 30.05 41.18 9.49
N ILE A 843 29.29 40.80 8.48
CA ILE A 843 27.87 40.52 8.69
C ILE A 843 27.69 39.34 9.63
N MET A 844 28.53 38.32 9.49
CA MET A 844 28.44 37.14 10.35
C MET A 844 28.71 37.50 11.80
N GLU A 845 29.80 38.23 12.06
CA GLU A 845 30.07 38.70 13.42
C GLU A 845 28.99 39.66 13.91
N GLN A 846 28.23 40.27 12.99
CA GLN A 846 27.18 41.21 13.36
C GLN A 846 25.92 40.52 13.88
N TYR A 847 25.61 39.32 13.38
CA TYR A 847 24.33 38.68 13.69
C TYR A 847 24.52 37.26 14.22
N GLY A 848 25.39 37.08 15.21
CA GLY A 848 25.60 35.76 15.77
C GLY A 848 24.36 35.18 16.45
N ASP A 849 23.50 36.04 17.01
CA ASP A 849 22.35 35.56 17.76
C ASP A 849 21.39 34.78 16.87
N GLU A 850 21.09 35.29 15.68
CA GLU A 850 20.22 34.57 14.76
C GLU A 850 20.97 33.38 14.15
N LYS A 851 20.21 32.37 13.76
CA LYS A 851 20.81 31.14 13.23
C LYS A 851 21.50 31.41 11.90
N ASN A 852 20.75 31.91 10.91
CA ASN A 852 21.34 32.28 9.65
C ASN A 852 21.45 33.80 9.63
N PRO A 853 22.63 34.38 9.87
CA PRO A 853 22.73 35.83 10.01
C PRO A 853 22.34 36.60 8.76
N LEU A 854 22.58 36.04 7.58
CA LEU A 854 22.27 36.75 6.35
C LEU A 854 20.76 36.93 6.16
N TYR A 855 19.96 35.97 6.62
CA TYR A 855 18.52 36.14 6.54
C TYR A 855 18.05 37.30 7.42
N LYS A 856 18.56 37.38 8.65
CA LYS A 856 18.18 38.48 9.52
C LYS A 856 18.65 39.81 8.96
N TYR A 857 19.85 39.82 8.36
CA TYR A 857 20.34 41.02 7.68
C TYR A 857 19.38 41.46 6.58
N TYR A 858 18.93 40.50 5.75
CA TYR A 858 18.01 40.83 4.66
C TYR A 858 16.63 41.24 5.17
N GLU A 859 16.17 40.66 6.28
CA GLU A 859 14.88 41.01 6.82
C GLU A 859 14.90 42.37 7.52
N GLU A 860 16.06 42.78 8.04
CA GLU A 860 16.19 44.08 8.70
C GLU A 860 16.60 45.19 7.74
N THR A 861 17.15 44.86 6.57
CA THR A 861 17.59 45.87 5.62
C THR A 861 16.91 45.79 4.26
N GLY A 862 16.32 44.66 3.89
CA GLY A 862 15.62 44.54 2.63
C GLY A 862 16.49 44.37 1.41
N ASN A 863 17.81 44.25 1.59
CA ASN A 863 18.74 44.08 0.47
C ASN A 863 19.65 42.90 0.78
N TYR A 864 19.51 41.82 0.00
CA TYR A 864 20.46 40.72 0.16
C TYR A 864 21.85 41.12 -0.33
N LEU A 865 22.86 40.44 0.21
CA LEU A 865 24.25 40.87 0.14
C LEU A 865 24.68 41.21 -1.28
N THR A 866 25.43 42.31 -1.39
CA THR A 866 26.00 42.77 -2.66
C THR A 866 27.50 42.54 -2.66
N LYS A 867 28.04 42.24 -3.84
CA LYS A 867 29.48 42.08 -3.96
C LYS A 867 30.18 43.41 -3.75
N TYR A 868 31.46 43.34 -3.39
CA TYR A 868 32.24 44.55 -3.19
C TYR A 868 32.31 45.36 -4.47
N SER A 869 31.93 46.64 -4.38
CA SER A 869 31.90 47.50 -5.55
C SER A 869 32.31 48.91 -5.13
N LYS A 870 33.18 49.54 -5.92
CA LYS A 870 33.62 50.89 -5.62
C LYS A 870 32.45 51.86 -5.66
N LYS A 871 31.57 51.73 -6.64
CA LYS A 871 30.38 52.55 -6.75
C LYS A 871 29.17 51.91 -6.09
N ASP A 872 29.35 50.78 -5.40
CA ASP A 872 28.26 50.04 -4.77
C ASP A 872 27.17 49.71 -5.80
N ASN A 873 27.59 49.08 -6.89
CA ASN A 873 26.69 48.61 -7.93
C ASN A 873 27.04 47.18 -8.33
N GLY A 874 27.59 46.41 -7.39
CA GLY A 874 27.94 45.04 -7.63
C GLY A 874 26.71 44.16 -7.71
N PRO A 875 26.91 42.91 -8.13
CA PRO A 875 25.77 42.00 -8.30
C PRO A 875 25.35 41.31 -7.02
N VAL A 876 24.37 40.41 -7.15
CA VAL A 876 23.80 39.67 -6.03
C VAL A 876 24.47 38.31 -5.91
N ILE A 877 24.66 37.84 -4.68
CA ILE A 877 25.13 36.50 -4.41
C ILE A 877 23.95 35.63 -4.01
N LYS A 878 23.75 34.53 -4.72
CA LYS A 878 22.69 33.58 -4.40
C LYS A 878 23.22 32.20 -4.03
N LYS A 879 24.32 31.76 -4.64
CA LYS A 879 24.95 30.48 -4.32
C LYS A 879 26.46 30.69 -4.22
N ILE A 880 27.09 29.86 -3.39
CA ILE A 880 28.53 30.02 -3.13
C ILE A 880 29.22 28.66 -3.32
N LYS A 881 30.32 28.66 -4.06
CA LYS A 881 31.06 27.44 -4.33
C LYS A 881 32.18 27.27 -3.31
N TYR A 882 32.30 26.06 -2.76
CA TYR A 882 33.31 25.79 -1.74
C TYR A 882 33.94 24.43 -1.99
N TYR A 883 35.18 24.29 -1.51
CA TYR A 883 35.94 23.07 -1.74
C TYR A 883 35.30 21.89 -1.00
N GLY A 884 35.47 20.70 -1.57
CA GLY A 884 34.94 19.48 -1.00
C GLY A 884 36.01 18.49 -0.60
N ASN A 885 36.12 17.40 -1.35
CA ASN A 885 37.08 16.33 -1.08
C ASN A 885 38.03 16.19 -2.25
N LYS A 886 38.85 15.14 -2.21
CA LYS A 886 39.77 14.84 -3.31
C LYS A 886 38.99 14.21 -4.46
N LEU A 887 39.72 13.71 -5.46
CA LEU A 887 39.11 13.04 -6.62
C LEU A 887 39.80 11.69 -6.77
N ASN A 888 39.28 10.68 -6.07
CA ASN A 888 39.86 9.35 -6.13
C ASN A 888 39.23 8.51 -7.23
N ALA A 889 37.91 8.31 -7.16
CA ALA A 889 37.17 7.58 -8.19
C ALA A 889 36.18 8.54 -8.84
N HIS A 890 36.16 8.54 -10.17
CA HIS A 890 35.31 9.49 -10.88
C HIS A 890 35.15 9.05 -12.31
N LEU A 891 34.03 9.48 -12.91
CA LEU A 891 33.74 9.30 -14.33
C LEU A 891 33.94 10.67 -14.98
N ASP A 892 34.95 10.77 -15.85
CA ASP A 892 35.29 12.04 -16.48
C ASP A 892 34.47 12.22 -17.75
N ILE A 893 33.81 13.37 -17.86
CA ILE A 893 32.98 13.68 -19.03
C ILE A 893 33.48 14.95 -19.69
N THR A 894 34.80 15.16 -19.66
CA THR A 894 35.37 16.34 -20.32
C THR A 894 35.13 16.32 -21.83
N ASP A 895 35.07 15.13 -22.44
CA ASP A 895 34.88 15.04 -23.88
C ASP A 895 33.57 15.70 -24.33
N ASP A 896 32.56 15.72 -23.46
CA ASP A 896 31.28 16.32 -23.81
C ASP A 896 31.31 17.85 -23.75
N TYR A 897 32.25 18.43 -23.02
CA TYR A 897 32.32 19.88 -22.87
C TYR A 897 33.49 20.45 -23.62
N PRO A 898 33.31 21.54 -24.37
CA PRO A 898 34.38 21.99 -25.27
C PRO A 898 35.40 22.91 -24.61
N ASN A 899 36.67 22.50 -24.67
CA ASN A 899 37.80 23.34 -24.27
C ASN A 899 37.65 23.87 -22.86
N SER A 900 37.19 23.01 -21.96
CA SER A 900 37.05 23.40 -20.56
C SER A 900 38.41 23.50 -19.89
N ARG A 901 38.57 24.51 -19.04
CA ARG A 901 39.80 24.67 -18.29
C ARG A 901 39.87 23.78 -17.05
N ASN A 902 38.75 23.17 -16.65
CA ASN A 902 38.70 22.27 -15.51
C ASN A 902 38.07 20.95 -15.94
N LYS A 903 38.56 19.86 -15.36
CA LYS A 903 37.99 18.54 -15.66
C LYS A 903 36.64 18.39 -15.00
N VAL A 904 35.63 17.99 -15.77
CA VAL A 904 34.28 17.81 -15.28
C VAL A 904 34.01 16.32 -15.11
N VAL A 905 33.65 15.91 -13.90
CA VAL A 905 33.47 14.50 -13.56
C VAL A 905 32.19 14.34 -12.77
N LYS A 906 31.76 13.08 -12.67
CA LYS A 906 30.71 12.62 -11.77
C LYS A 906 31.27 11.53 -10.87
N LEU A 907 30.53 11.19 -9.82
CA LEU A 907 31.07 10.42 -8.71
C LEU A 907 30.44 9.03 -8.60
N SER A 908 31.18 8.14 -7.93
CA SER A 908 30.69 6.85 -7.48
C SER A 908 30.26 5.95 -8.64
N LEU A 909 31.25 5.51 -9.42
CA LEU A 909 31.02 4.43 -10.38
C LEU A 909 30.39 3.24 -9.67
N LYS A 910 29.15 2.91 -10.02
CA LYS A 910 28.47 1.82 -9.33
C LYS A 910 28.96 0.48 -9.86
N PRO A 911 29.33 -0.45 -8.98
CA PRO A 911 29.84 -1.74 -9.44
C PRO A 911 28.72 -2.73 -9.70
N TYR A 912 28.96 -3.59 -10.69
CA TYR A 912 27.97 -4.58 -11.13
C TYR A 912 28.30 -5.99 -10.66
N ARG A 913 29.53 -6.44 -10.88
CA ARG A 913 29.90 -7.81 -10.50
C ARG A 913 31.41 -7.84 -10.28
N PHE A 914 31.93 -9.01 -9.92
CA PHE A 914 33.37 -9.16 -9.86
C PHE A 914 33.78 -10.57 -10.20
N ASP A 915 34.78 -10.70 -11.07
CA ASP A 915 35.24 -11.99 -11.57
C ASP A 915 36.56 -12.34 -10.91
N VAL A 916 36.60 -13.50 -10.25
CA VAL A 916 37.79 -13.97 -9.54
C VAL A 916 38.60 -14.86 -10.48
N TYR A 917 39.88 -14.52 -10.64
CA TYR A 917 40.87 -15.27 -11.40
C TYR A 917 41.94 -15.79 -10.45
N LEU A 918 42.68 -16.79 -10.93
CA LEU A 918 43.81 -17.37 -10.20
C LEU A 918 45.04 -17.28 -11.10
N ASP A 919 46.02 -16.46 -10.70
CA ASP A 919 47.23 -16.23 -11.47
C ASP A 919 48.41 -16.74 -10.67
N ASN A 920 49.10 -17.75 -11.23
CA ASN A 920 50.34 -18.27 -10.64
C ASN A 920 50.18 -18.62 -9.15
N GLY A 921 48.97 -19.03 -8.76
CA GLY A 921 48.72 -19.47 -7.41
C GLY A 921 48.17 -18.42 -6.47
N VAL A 922 48.09 -17.15 -6.88
CA VAL A 922 47.51 -16.10 -6.07
C VAL A 922 46.18 -15.68 -6.69
N TYR A 923 45.18 -15.47 -5.84
CA TYR A 923 43.86 -15.07 -6.30
C TYR A 923 43.79 -13.57 -6.52
N LYS A 924 43.29 -13.16 -7.68
CA LYS A 924 42.98 -11.77 -7.96
C LYS A 924 41.56 -11.69 -8.48
N PHE A 925 41.07 -10.47 -8.70
CA PHE A 925 39.74 -10.34 -9.28
C PHE A 925 39.60 -8.99 -9.95
N VAL A 926 38.72 -8.94 -10.94
CA VAL A 926 38.43 -7.74 -11.71
C VAL A 926 36.99 -7.33 -11.43
N THR A 927 36.80 -6.07 -11.04
CA THR A 927 35.47 -5.54 -10.72
C THR A 927 34.84 -4.95 -11.97
N VAL A 928 33.78 -5.58 -12.45
CA VAL A 928 33.05 -5.09 -13.62
C VAL A 928 32.03 -4.07 -13.12
N LYS A 929 32.25 -2.81 -13.47
CA LYS A 929 31.34 -1.75 -13.09
C LYS A 929 30.14 -1.71 -14.02
N ASN A 930 29.10 -1.01 -13.58
CA ASN A 930 27.90 -0.90 -14.40
C ASN A 930 28.13 -0.08 -15.66
N LEU A 931 29.21 0.71 -15.72
CA LEU A 931 29.49 1.46 -16.92
C LEU A 931 30.05 0.58 -18.05
N ASP A 932 30.71 -0.51 -17.70
CA ASP A 932 31.37 -1.37 -18.67
C ASP A 932 30.40 -2.23 -19.50
N VAL A 933 29.09 -2.01 -19.40
CA VAL A 933 28.10 -2.79 -20.12
C VAL A 933 27.40 -1.88 -21.12
N ILE A 934 27.42 -2.26 -22.39
CA ILE A 934 26.77 -1.52 -23.47
C ILE A 934 25.47 -2.24 -23.81
N LYS A 935 24.41 -1.45 -24.03
CA LYS A 935 23.07 -1.97 -24.26
C LYS A 935 22.72 -1.85 -25.75
N LYS A 936 23.12 -2.85 -26.53
CA LYS A 936 22.81 -2.92 -27.96
C LYS A 936 21.51 -3.70 -28.15
N GLU A 937 20.38 -3.01 -28.10
CA GLU A 937 19.08 -3.55 -28.51
C GLU A 937 18.75 -4.87 -27.77
N ASN A 938 18.64 -4.77 -26.45
CA ASN A 938 18.39 -5.92 -25.56
C ASN A 938 19.53 -6.94 -25.60
N TYR A 939 20.70 -6.54 -26.08
CA TYR A 939 21.90 -7.37 -26.06
C TYR A 939 22.94 -6.60 -25.24
N TYR A 940 23.22 -7.07 -24.03
CA TYR A 940 24.16 -6.38 -23.15
C TYR A 940 25.53 -6.99 -23.32
N GLU A 941 26.49 -6.17 -23.75
CA GLU A 941 27.84 -6.64 -24.07
C GLU A 941 28.85 -5.91 -23.20
N VAL A 942 29.78 -6.65 -22.61
CA VAL A 942 30.85 -6.06 -21.83
C VAL A 942 31.89 -5.50 -22.78
N ASN A 943 32.30 -4.25 -22.57
CA ASN A 943 33.29 -3.62 -23.43
C ASN A 943 34.62 -4.36 -23.32
N SER A 944 35.05 -4.97 -24.42
CA SER A 944 36.28 -5.75 -24.40
C SER A 944 37.49 -4.88 -24.07
N LYS A 945 37.50 -3.64 -24.57
CA LYS A 945 38.62 -2.75 -24.31
C LYS A 945 38.70 -2.38 -22.83
N CYS A 946 37.57 -1.95 -22.25
CA CYS A 946 37.58 -1.57 -20.84
C CYS A 946 37.83 -2.79 -19.94
N TYR A 947 37.31 -3.95 -20.31
CA TYR A 947 37.56 -5.14 -19.51
C TYR A 947 39.03 -5.55 -19.57
N GLU A 948 39.64 -5.46 -20.75
CA GLU A 948 41.06 -5.76 -20.86
C GLU A 948 41.90 -4.76 -20.07
N GLU A 949 41.49 -3.49 -20.07
CA GLU A 949 42.20 -2.50 -19.28
C GLU A 949 42.08 -2.82 -17.79
N ALA A 950 40.89 -3.20 -17.33
CA ALA A 950 40.71 -3.57 -15.93
C ALA A 950 41.55 -4.79 -15.58
N LYS A 951 41.66 -5.74 -16.50
CA LYS A 951 42.57 -6.86 -16.30
C LYS A 951 44.02 -6.37 -16.15
N LYS A 952 44.41 -5.40 -16.98
CA LYS A 952 45.76 -4.86 -16.91
C LYS A 952 45.99 -4.06 -15.62
N LEU A 953 44.94 -3.49 -15.05
CA LEU A 953 45.07 -2.71 -13.82
C LEU A 953 45.59 -3.56 -12.68
N LYS A 954 45.03 -4.77 -12.52
CA LYS A 954 45.47 -5.67 -11.47
C LYS A 954 46.72 -6.46 -11.86
N LYS A 955 47.37 -6.10 -12.96
CA LYS A 955 48.57 -6.80 -13.45
C LYS A 955 48.29 -8.30 -13.63
N ILE A 956 47.05 -8.63 -13.97
CA ILE A 956 46.66 -10.03 -14.11
C ILE A 956 47.30 -10.60 -15.36
N SER A 957 48.04 -11.69 -15.19
CA SER A 957 48.71 -12.32 -16.31
C SER A 957 47.72 -12.96 -17.27
N ASN A 958 48.19 -13.24 -18.48
CA ASN A 958 47.33 -13.91 -19.47
C ASN A 958 47.07 -15.36 -19.08
N GLN A 959 48.10 -16.03 -18.56
CA GLN A 959 47.98 -17.43 -18.15
C GLN A 959 47.13 -17.62 -16.90
N ALA A 960 46.57 -16.54 -16.33
CA ALA A 960 45.74 -16.64 -15.15
C ALA A 960 44.51 -17.48 -15.41
N GLU A 961 44.41 -18.62 -14.74
CA GLU A 961 43.24 -19.48 -14.88
C GLU A 961 42.04 -18.78 -14.27
N PHE A 962 41.07 -18.43 -15.12
CA PHE A 962 39.85 -17.82 -14.63
C PHE A 962 39.08 -18.78 -13.73
N ILE A 963 38.74 -18.32 -12.53
CA ILE A 963 38.10 -19.19 -11.55
C ILE A 963 36.58 -19.11 -11.69
N ALA A 964 36.01 -17.94 -11.44
CA ALA A 964 34.56 -17.81 -11.47
C ALA A 964 34.18 -16.34 -11.54
N SER A 965 32.87 -16.08 -11.54
CA SER A 965 32.33 -14.72 -11.47
C SER A 965 31.25 -14.67 -10.40
N PHE A 966 31.08 -13.50 -9.79
CA PHE A 966 30.15 -13.36 -8.69
C PHE A 966 29.34 -12.08 -8.86
N TYR A 967 28.02 -12.23 -8.89
CA TYR A 967 27.05 -11.15 -8.85
C TYR A 967 26.57 -10.98 -7.42
N ASN A 968 25.50 -10.20 -7.25
CA ASN A 968 24.95 -9.96 -5.92
C ASN A 968 24.40 -11.24 -5.31
N ASN A 969 24.79 -11.51 -4.07
CA ASN A 969 24.26 -12.61 -3.26
C ASN A 969 24.56 -13.98 -3.86
N ASP A 970 25.51 -14.07 -4.80
CA ASP A 970 26.02 -15.37 -5.22
C ASP A 970 26.95 -15.90 -4.14
N LEU A 971 26.64 -17.09 -3.62
CA LEU A 971 27.36 -17.60 -2.45
C LEU A 971 28.82 -17.87 -2.79
N ILE A 972 29.71 -17.47 -1.88
CA ILE A 972 31.14 -17.68 -2.05
C ILE A 972 31.66 -18.48 -0.86
N LYS A 973 32.75 -19.21 -1.08
CA LYS A 973 33.37 -20.03 -0.04
C LYS A 973 34.87 -19.78 -0.10
N ILE A 974 35.41 -19.15 0.94
CA ILE A 974 36.81 -18.78 1.00
C ILE A 974 37.41 -19.38 2.26
N ASN A 975 38.57 -20.02 2.12
CA ASN A 975 39.30 -20.66 3.22
C ASN A 975 38.51 -21.80 3.86
N GLY A 976 37.36 -22.16 3.30
CA GLY A 976 36.47 -23.14 3.89
C GLY A 976 35.20 -22.55 4.47
N GLU A 977 35.16 -21.24 4.68
CA GLU A 977 34.00 -20.57 5.25
C GLU A 977 33.11 -20.02 4.15
N LEU A 978 31.81 -20.20 4.32
CA LEU A 978 30.81 -19.83 3.33
C LEU A 978 30.11 -18.54 3.72
N TYR A 979 29.97 -17.64 2.75
CA TYR A 979 29.28 -16.37 2.95
C TYR A 979 28.47 -16.03 1.71
N ARG A 980 27.66 -14.97 1.83
CA ARG A 980 26.95 -14.39 0.71
C ARG A 980 27.59 -13.05 0.35
N VAL A 981 27.62 -12.73 -0.94
CA VAL A 981 28.34 -11.56 -1.44
C VAL A 981 27.43 -10.33 -1.40
N ILE A 982 27.82 -9.34 -0.62
CA ILE A 982 27.16 -8.03 -0.71
C ILE A 982 27.73 -7.23 -1.87
N GLY A 983 29.05 -7.23 -2.02
CA GLY A 983 29.64 -6.67 -3.21
C GLY A 983 31.02 -6.10 -2.96
N VAL A 984 31.60 -5.54 -4.02
CA VAL A 984 32.94 -5.00 -3.96
C VAL A 984 32.94 -3.76 -3.07
N ASN A 985 33.78 -3.78 -2.02
CA ASN A 985 33.90 -2.65 -1.10
C ASN A 985 34.90 -1.62 -1.62
N ASN A 986 36.14 -2.05 -1.88
CA ASN A 986 37.16 -1.18 -2.45
C ASN A 986 38.01 -2.04 -3.38
N ASP A 987 37.73 -1.97 -4.68
CA ASP A 987 38.39 -2.84 -5.64
C ASP A 987 39.89 -2.59 -5.71
N LEU A 988 40.33 -1.36 -5.47
CA LEU A 988 41.75 -1.06 -5.57
C LEU A 988 42.56 -1.84 -4.55
N LEU A 989 41.99 -2.13 -3.39
CA LEU A 989 42.67 -2.88 -2.34
C LEU A 989 42.33 -4.37 -2.35
N ASN A 990 41.64 -4.85 -3.39
CA ASN A 990 41.25 -6.26 -3.50
C ASN A 990 40.42 -6.71 -2.31
N ARG A 991 39.41 -5.91 -1.97
CA ARG A 991 38.52 -6.19 -0.85
C ARG A 991 37.10 -6.42 -1.37
N ILE A 992 36.39 -7.33 -0.70
CA ILE A 992 34.98 -7.57 -0.96
C ILE A 992 34.24 -7.55 0.38
N GLU A 993 32.93 -7.34 0.32
CA GLU A 993 32.08 -7.31 1.50
C GLU A 993 31.04 -8.41 1.42
N VAL A 994 30.99 -9.23 2.46
CA VAL A 994 30.14 -10.40 2.52
C VAL A 994 29.28 -10.32 3.76
N ASN A 995 28.42 -11.33 3.94
CA ASN A 995 27.55 -11.41 5.11
C ASN A 995 27.20 -12.87 5.37
N MET A 996 26.59 -13.10 6.53
CA MET A 996 26.12 -14.44 6.88
C MET A 996 24.80 -14.73 6.17
N ILE A 997 24.42 -16.00 6.18
CA ILE A 997 23.24 -16.49 5.47
C ILE A 997 22.06 -16.68 6.39
N ASP A 998 22.25 -17.39 7.51
CA ASP A 998 21.15 -17.66 8.43
C ASP A 998 20.78 -16.45 9.29
N ILE A 999 21.61 -15.41 9.30
CA ILE A 999 21.37 -14.25 10.16
C ILE A 999 22.16 -13.08 9.57
N THR A 1000 21.71 -11.87 9.87
CA THR A 1000 22.47 -10.67 9.54
C THR A 1000 23.60 -10.51 10.55
N TYR A 1001 24.75 -10.03 10.07
CA TYR A 1001 25.91 -9.89 10.95
C TYR A 1001 25.62 -8.91 12.08
N ARG A 1002 24.80 -7.88 11.82
CA ARG A 1002 24.38 -6.98 12.89
C ARG A 1002 23.71 -7.73 14.02
N GLU A 1003 22.78 -8.64 13.68
CA GLU A 1003 22.10 -9.40 14.71
C GLU A 1003 23.01 -10.44 15.34
N TYR A 1004 23.96 -10.98 14.56
CA TYR A 1004 24.91 -11.92 15.12
C TYR A 1004 25.77 -11.25 16.19
N LEU A 1005 26.12 -9.98 15.98
CA LEU A 1005 26.87 -9.26 16.99
C LEU A 1005 25.98 -8.78 18.14
N GLU A 1006 24.71 -8.47 17.84
CA GLU A 1006 23.78 -8.04 18.88
C GLU A 1006 23.38 -9.17 19.80
N ASN A 1007 23.48 -10.43 19.35
CA ASN A 1007 23.20 -11.55 20.22
C ASN A 1007 24.23 -11.64 21.34
N MET A 1008 25.51 -11.54 20.99
CA MET A 1008 26.60 -11.58 21.95
C MET A 1008 27.02 -10.19 22.43
N ASN A 1009 26.27 -9.15 22.07
CA ASN A 1009 26.52 -7.77 22.49
C ASN A 1009 27.92 -7.31 22.08
N ASP A 1010 28.38 -7.76 20.93
CA ASP A 1010 29.68 -7.35 20.42
C ASP A 1010 29.58 -5.98 19.75
N LYS A 1011 30.65 -5.20 19.86
CA LYS A 1011 30.71 -3.85 19.32
C LYS A 1011 31.60 -3.74 18.09
N ARG A 1012 31.96 -4.87 17.48
CA ARG A 1012 32.76 -4.85 16.27
C ARG A 1012 31.93 -4.25 15.13
N PRO A 1013 32.59 -3.69 14.11
CA PRO A 1013 31.87 -3.11 12.98
C PRO A 1013 30.96 -4.13 12.32
N PRO A 1014 29.65 -3.88 12.31
CA PRO A 1014 28.70 -4.87 11.80
C PRO A 1014 28.76 -5.05 10.28
N ARG A 1015 29.95 -5.37 9.76
CA ARG A 1015 30.10 -5.63 8.33
C ARG A 1015 31.41 -6.38 8.14
N ILE A 1016 31.36 -7.42 7.30
CA ILE A 1016 32.49 -8.31 7.10
C ILE A 1016 33.16 -7.98 5.78
N ILE A 1017 34.42 -7.56 5.86
CA ILE A 1017 35.25 -7.26 4.70
C ILE A 1017 36.36 -8.30 4.63
N LYS A 1018 36.53 -8.91 3.47
CA LYS A 1018 37.56 -9.91 3.24
C LYS A 1018 38.50 -9.43 2.14
N THR A 1019 39.77 -9.81 2.26
CA THR A 1019 40.81 -9.43 1.31
C THR A 1019 41.18 -10.66 0.48
N ILE A 1020 41.18 -10.49 -0.84
CA ILE A 1020 41.49 -11.56 -1.77
C ILE A 1020 42.89 -11.29 -2.33
N ALA A 1021 43.87 -11.98 -1.80
CA ALA A 1021 45.26 -11.84 -2.21
C ALA A 1021 45.96 -13.18 -1.96
N SER A 1022 47.29 -13.16 -1.91
CA SER A 1022 48.03 -14.36 -1.53
C SER A 1022 47.62 -14.88 -0.15
N LYS A 1023 47.10 -14.00 0.72
CA LYS A 1023 46.61 -14.43 2.02
C LYS A 1023 45.20 -14.99 1.90
N THR A 1024 45.02 -15.96 1.02
CA THR A 1024 43.73 -16.61 0.81
C THR A 1024 43.97 -18.01 0.29
N GLN A 1025 43.37 -19.01 0.95
CA GLN A 1025 43.64 -20.41 0.63
C GLN A 1025 42.91 -20.83 -0.64
N SER A 1026 41.58 -20.68 -0.66
CA SER A 1026 40.79 -21.13 -1.80
C SER A 1026 39.60 -20.21 -1.98
N ILE A 1027 39.06 -20.22 -3.20
CA ILE A 1027 37.86 -19.47 -3.55
C ILE A 1027 36.98 -20.37 -4.42
N LYS A 1028 35.77 -20.67 -3.93
CA LYS A 1028 34.84 -21.53 -4.64
C LYS A 1028 33.46 -20.88 -4.70
N LYS A 1029 32.69 -21.23 -5.72
CA LYS A 1029 31.37 -20.66 -5.96
C LYS A 1029 30.28 -21.64 -5.54
N TYR A 1030 29.26 -21.12 -4.87
CA TYR A 1030 28.14 -21.92 -4.40
C TYR A 1030 26.85 -21.14 -4.60
N SER A 1031 25.84 -21.82 -5.12
CA SER A 1031 24.51 -21.25 -5.27
C SER A 1031 23.51 -22.08 -4.48
N THR A 1032 22.24 -21.67 -4.54
CA THR A 1032 21.17 -22.40 -3.86
C THR A 1032 19.94 -22.47 -4.74
N ASP A 1033 19.07 -23.41 -4.39
CA ASP A 1033 17.81 -23.60 -5.08
C ASP A 1033 16.88 -22.43 -4.74
N ILE A 1034 15.67 -22.47 -5.27
CA ILE A 1034 14.67 -21.51 -4.84
C ILE A 1034 13.99 -22.10 -3.61
N LEU A 1035 14.57 -23.19 -3.09
CA LEU A 1035 14.13 -23.76 -1.82
C LEU A 1035 15.20 -23.75 -0.73
N GLY A 1036 16.48 -23.68 -1.08
CA GLY A 1036 17.51 -23.54 -0.07
C GLY A 1036 18.54 -24.64 -0.04
N ASN A 1037 18.53 -25.51 -1.06
CA ASN A 1037 19.50 -26.60 -1.15
C ASN A 1037 20.77 -26.10 -1.81
N LEU A 1038 21.90 -26.24 -1.12
CA LEU A 1038 23.17 -25.71 -1.61
C LEU A 1038 23.71 -26.57 -2.76
N TYR A 1039 24.40 -25.91 -3.68
CA TYR A 1039 24.97 -26.57 -4.85
C TYR A 1039 26.29 -25.89 -5.20
N GLU A 1040 27.22 -26.66 -5.74
CA GLU A 1040 28.42 -26.09 -6.35
C GLU A 1040 28.07 -25.60 -7.75
N VAL A 1041 29.05 -25.02 -8.43
CA VAL A 1041 28.80 -24.41 -9.74
C VAL A 1041 29.97 -24.71 -10.66
N LYS A 1042 29.68 -25.30 -11.81
CA LYS A 1042 30.69 -25.39 -12.85
C LYS A 1042 31.07 -23.99 -13.30
N SER A 1043 32.37 -23.72 -13.37
CA SER A 1043 32.82 -22.38 -13.71
C SER A 1043 32.34 -21.96 -15.09
N LYS A 1044 32.29 -22.90 -16.03
CA LYS A 1044 32.14 -22.56 -17.45
C LYS A 1044 33.16 -21.48 -17.81
N LYS A 1045 34.43 -21.87 -17.74
CA LYS A 1045 35.55 -20.94 -17.86
C LYS A 1045 35.40 -20.07 -19.10
N HIS A 1046 36.11 -18.93 -19.15
CA HIS A 1046 35.77 -17.78 -20.00
C HIS A 1046 34.49 -17.10 -19.50
N PRO A 1047 34.61 -16.24 -18.48
CA PRO A 1047 33.43 -15.59 -17.85
C PRO A 1047 32.43 -14.98 -18.81
N GLN A 1048 31.21 -14.74 -18.31
CA GLN A 1048 30.12 -14.29 -19.15
C GLN A 1048 30.33 -12.85 -19.60
N ILE A 1049 30.27 -12.63 -20.90
CA ILE A 1049 30.39 -11.30 -21.49
C ILE A 1049 29.07 -10.83 -22.07
N ILE A 1050 28.41 -11.67 -22.85
CA ILE A 1050 27.12 -11.33 -23.46
C ILE A 1050 26.01 -11.58 -22.45
N LYS A 1051 25.07 -10.65 -22.36
CA LYS A 1051 23.92 -10.77 -21.47
C LYS A 1051 22.65 -10.46 -22.26
N LYS A 1052 21.76 -11.44 -22.37
CA LYS A 1052 20.53 -11.27 -23.13
C LYS A 1052 19.53 -10.37 -22.41
N VAL C 4 -41.83 -29.77 33.91
CA VAL C 4 -42.48 -28.52 34.27
C VAL C 4 -41.85 -27.36 33.51
N LYS C 5 -42.67 -26.51 32.90
CA LYS C 5 -42.21 -25.35 32.17
C LYS C 5 -42.48 -24.09 32.97
N TYR C 6 -41.42 -23.30 33.20
CA TYR C 6 -41.51 -22.06 33.95
C TYR C 6 -41.25 -20.87 33.03
N ILE C 7 -42.01 -19.79 33.23
CA ILE C 7 -41.71 -18.51 32.60
C ILE C 7 -40.75 -17.78 33.53
N SER C 8 -39.49 -17.64 33.09
CA SER C 8 -38.42 -17.16 33.96
C SER C 8 -38.07 -15.69 33.78
N ASN C 9 -38.21 -15.15 32.57
CA ASN C 9 -37.86 -13.76 32.33
C ASN C 9 -38.66 -13.27 31.13
N MET C 10 -39.05 -11.99 31.19
CA MET C 10 -39.78 -11.36 30.11
C MET C 10 -39.28 -9.93 29.93
N SER C 11 -39.38 -9.44 28.70
CA SER C 11 -38.92 -8.10 28.37
C SER C 11 -39.81 -7.53 27.28
N LYS C 12 -40.49 -6.42 27.57
CA LYS C 12 -41.38 -5.79 26.60
C LYS C 12 -40.56 -5.05 25.54
N GLN C 13 -40.87 -5.32 24.28
CA GLN C 13 -40.24 -4.66 23.15
C GLN C 13 -41.24 -3.78 22.43
N GLU C 14 -40.78 -3.15 21.34
CA GLU C 14 -41.65 -2.24 20.60
C GLU C 14 -42.81 -2.98 19.93
N LYS C 15 -42.54 -4.15 19.34
CA LYS C 15 -43.55 -4.90 18.63
C LYS C 15 -43.85 -6.26 19.24
N GLY C 16 -43.33 -6.54 20.45
CA GLY C 16 -43.58 -7.82 21.06
C GLY C 16 -42.94 -8.01 22.42
N TYR C 17 -42.57 -9.26 22.73
CA TYR C 17 -42.01 -9.60 24.03
C TYR C 17 -40.91 -10.64 23.86
N ARG C 18 -39.76 -10.39 24.48
CA ARG C 18 -38.73 -11.41 24.62
C ARG C 18 -39.03 -12.26 25.83
N VAL C 19 -39.04 -13.59 25.65
CA VAL C 19 -39.47 -14.52 26.69
C VAL C 19 -38.37 -15.54 26.92
N TYR C 20 -38.26 -15.99 28.17
CA TYR C 20 -37.35 -17.07 28.54
C TYR C 20 -38.14 -18.13 29.27
N VAL C 21 -38.04 -19.38 28.82
CA VAL C 21 -38.82 -20.48 29.37
C VAL C 21 -37.88 -21.63 29.71
N ASN C 22 -37.92 -22.07 30.96
CA ASN C 22 -37.11 -23.19 31.43
C ASN C 22 -37.99 -24.44 31.53
N VAL C 23 -37.74 -25.41 30.65
CA VAL C 23 -38.35 -26.72 30.75
C VAL C 23 -37.44 -27.58 31.63
N VAL C 24 -37.90 -27.90 32.84
CA VAL C 24 -37.06 -28.51 33.86
C VAL C 24 -37.70 -29.82 34.30
N ASN C 25 -37.02 -30.93 34.03
CA ASN C 25 -37.38 -32.24 34.58
C ASN C 25 -36.58 -32.46 35.86
N GLU C 26 -36.55 -33.71 36.34
CA GLU C 26 -35.96 -33.99 37.65
C GLU C 26 -34.50 -33.59 37.72
N ASP C 27 -33.75 -33.75 36.62
CA ASP C 27 -32.31 -33.54 36.65
C ASP C 27 -31.77 -32.65 35.55
N THR C 28 -32.63 -32.05 34.73
CA THR C 28 -32.18 -31.24 33.59
C THR C 28 -33.03 -29.99 33.48
N ASP C 29 -32.37 -28.85 33.25
CA ASP C 29 -33.05 -27.58 32.97
C ASP C 29 -32.63 -27.13 31.58
N LYS C 30 -33.61 -26.97 30.69
CA LYS C 30 -33.39 -26.53 29.32
C LYS C 30 -33.99 -25.13 29.17
N GLY C 31 -33.12 -24.14 28.93
CA GLY C 31 -33.57 -22.77 28.75
C GLY C 31 -33.79 -22.41 27.30
N PHE C 32 -35.00 -21.98 26.97
CA PHE C 32 -35.37 -21.55 25.63
C PHE C 32 -35.54 -20.04 25.64
N LEU C 33 -34.84 -19.36 24.74
CA LEU C 33 -34.95 -17.92 24.58
C LEU C 33 -35.72 -17.63 23.31
N PHE C 34 -36.86 -16.96 23.46
CA PHE C 34 -37.66 -16.51 22.33
C PHE C 34 -37.47 -15.00 22.17
N PRO C 35 -36.70 -14.56 21.18
CA PRO C 35 -36.36 -13.12 21.12
C PRO C 35 -37.55 -12.22 20.84
N SER C 36 -38.53 -12.68 20.06
CA SER C 36 -39.66 -11.85 19.67
C SER C 36 -40.92 -12.70 19.66
N VAL C 37 -41.82 -12.44 20.59
CA VAL C 37 -43.13 -13.07 20.64
C VAL C 37 -44.18 -11.98 20.38
N PRO C 38 -45.13 -12.21 19.46
CA PRO C 38 -46.10 -11.15 19.15
C PRO C 38 -46.89 -10.73 20.37
N LYS C 39 -47.27 -9.45 20.38
CA LYS C 39 -48.02 -8.92 21.52
C LYS C 39 -49.41 -9.54 21.64
N GLU C 40 -49.99 -9.95 20.51
CA GLU C 40 -51.31 -10.58 20.55
C GLU C 40 -51.28 -11.92 21.29
N VAL C 41 -50.17 -12.64 21.19
CA VAL C 41 -50.05 -13.90 21.93
C VAL C 41 -49.78 -13.65 23.41
N ILE C 42 -49.07 -12.58 23.74
CA ILE C 42 -48.73 -12.31 25.14
C ILE C 42 -49.94 -11.79 25.90
N GLU C 43 -50.62 -10.78 25.34
CA GLU C 43 -51.73 -10.15 26.06
C GLU C 43 -52.95 -11.05 26.18
N ASN C 44 -53.03 -12.13 25.40
CA ASN C 44 -54.16 -13.05 25.44
C ASN C 44 -53.83 -14.36 26.13
N ASP C 45 -52.65 -14.47 26.74
CA ASP C 45 -52.23 -15.68 27.46
C ASP C 45 -52.29 -16.93 26.56
N LYS C 46 -51.93 -16.76 25.29
CA LYS C 46 -51.92 -17.85 24.33
C LYS C 46 -50.60 -18.63 24.45
N ILE C 47 -50.46 -19.31 25.59
CA ILE C 47 -49.27 -20.11 25.86
C ILE C 47 -49.13 -21.29 24.93
N ASP C 48 -50.17 -21.62 24.16
CA ASP C 48 -50.08 -22.71 23.20
C ASP C 48 -49.17 -22.39 22.03
N GLU C 49 -48.89 -21.10 21.79
CA GLU C 49 -48.10 -20.66 20.66
C GLU C 49 -46.65 -20.34 21.04
N LEU C 50 -46.18 -20.84 22.18
CA LEU C 50 -44.80 -20.59 22.58
C LEU C 50 -43.83 -21.18 21.57
N PHE C 51 -43.94 -22.50 21.34
CA PHE C 51 -42.95 -23.21 20.52
C PHE C 51 -42.95 -22.74 19.07
N ASN C 52 -44.10 -22.29 18.56
CA ASN C 52 -44.17 -21.90 17.14
C ASN C 52 -43.25 -20.72 16.84
N PHE C 53 -43.07 -19.80 17.77
CA PHE C 53 -42.17 -18.67 17.57
C PHE C 53 -40.73 -19.15 17.55
N GLU C 54 -39.89 -18.43 16.81
CA GLU C 54 -38.49 -18.80 16.70
C GLU C 54 -37.80 -18.68 18.06
N HIS C 55 -36.88 -19.59 18.33
CA HIS C 55 -36.17 -19.59 19.60
C HIS C 55 -34.76 -20.13 19.39
N HIS C 56 -33.86 -19.72 20.28
CA HIS C 56 -32.51 -20.24 20.30
C HIS C 56 -32.52 -21.71 20.73
N LYS C 57 -31.44 -22.41 20.40
CA LYS C 57 -31.29 -23.77 20.87
C LYS C 57 -31.26 -23.78 22.40
N PRO C 58 -31.90 -24.77 23.03
CA PRO C 58 -32.01 -24.73 24.50
C PRO C 58 -30.66 -24.90 25.16
N TYR C 59 -30.38 -24.01 26.12
CA TYR C 59 -29.19 -24.15 26.95
C TYR C 59 -29.46 -25.19 28.03
N VAL C 60 -28.69 -26.26 28.03
CA VAL C 60 -28.92 -27.39 28.93
C VAL C 60 -27.98 -27.29 30.12
N GLN C 61 -28.54 -27.35 31.33
CA GLN C 61 -27.75 -27.30 32.54
C GLN C 61 -28.39 -28.21 33.60
N LYS C 62 -27.68 -28.36 34.72
CA LYS C 62 -28.23 -29.12 35.83
C LYS C 62 -29.41 -28.37 36.44
N ALA C 63 -30.42 -29.12 36.85
CA ALA C 63 -31.61 -28.50 37.40
C ALA C 63 -31.33 -27.87 38.76
N LYS C 64 -31.93 -26.71 39.00
CA LYS C 64 -31.83 -26.09 40.31
C LYS C 64 -32.81 -26.77 41.28
N SER C 65 -32.55 -26.58 42.57
CA SER C 65 -33.43 -27.15 43.59
C SER C 65 -34.85 -26.64 43.43
N ARG C 66 -35.02 -25.32 43.37
CA ARG C 66 -36.31 -24.71 43.11
C ARG C 66 -36.09 -23.49 42.22
N TYR C 67 -37.18 -23.00 41.63
CA TYR C 67 -37.11 -21.89 40.70
C TYR C 67 -37.95 -20.71 41.19
N ASP C 68 -37.80 -20.36 42.48
CA ASP C 68 -38.61 -19.29 43.05
C ASP C 68 -38.21 -17.93 42.51
N LYS C 69 -36.92 -17.60 42.57
CA LYS C 69 -36.44 -16.28 42.16
C LYS C 69 -35.19 -16.42 41.30
N ASN C 70 -35.18 -15.71 40.18
CA ASN C 70 -34.02 -15.66 39.29
C ASN C 70 -33.14 -14.47 39.66
N GLY C 71 -32.15 -14.16 38.82
CA GLY C 71 -31.22 -13.09 39.14
C GLY C 71 -31.85 -11.72 39.10
N ILE C 72 -32.91 -11.55 38.31
CA ILE C 72 -33.53 -10.25 38.13
C ILE C 72 -34.57 -10.02 39.22
N GLY C 73 -34.69 -10.98 40.14
CA GLY C 73 -35.65 -10.90 41.22
C GLY C 73 -37.09 -11.10 40.83
N TYR C 74 -37.35 -11.34 39.54
CA TYR C 74 -38.71 -11.56 39.08
C TYR C 74 -39.28 -12.85 39.65
N LYS C 75 -40.57 -12.82 39.96
CA LYS C 75 -41.25 -14.01 40.44
C LYS C 75 -41.50 -14.96 39.27
N ILE C 76 -40.89 -16.13 39.32
CA ILE C 76 -41.01 -17.11 38.24
C ILE C 76 -42.35 -17.82 38.37
N VAL C 77 -43.11 -17.88 37.28
CA VAL C 77 -44.40 -18.54 37.24
C VAL C 77 -44.35 -19.69 36.25
N GLN C 78 -45.28 -20.63 36.40
CA GLN C 78 -45.38 -21.73 35.48
C GLN C 78 -46.03 -21.26 34.18
N LEU C 79 -45.66 -21.90 33.07
CA LEU C 79 -46.16 -21.50 31.76
C LEU C 79 -47.67 -21.65 31.67
N ASP C 80 -48.23 -22.65 32.36
CA ASP C 80 -49.68 -22.84 32.36
C ASP C 80 -50.42 -21.71 33.06
N GLU C 81 -49.74 -20.97 33.94
CA GLU C 81 -50.36 -19.81 34.58
C GLU C 81 -50.46 -18.62 33.64
N GLY C 82 -49.72 -18.63 32.53
CA GLY C 82 -49.82 -17.58 31.54
C GLY C 82 -48.88 -16.41 31.78
N PHE C 83 -48.34 -15.83 30.70
CA PHE C 83 -47.55 -14.61 30.83
C PHE C 83 -48.41 -13.42 31.23
N GLN C 84 -49.72 -13.51 31.04
CA GLN C 84 -50.61 -12.43 31.42
C GLN C 84 -50.52 -12.14 32.92
N LYS C 85 -50.43 -13.17 33.75
CA LYS C 85 -50.28 -12.97 35.19
C LYS C 85 -48.86 -12.55 35.55
N PHE C 86 -47.87 -13.07 34.82
CA PHE C 86 -46.49 -12.61 35.00
C PHE C 86 -46.40 -11.10 34.80
N ILE C 87 -47.16 -10.56 33.85
CA ILE C 87 -47.14 -9.13 33.59
C ILE C 87 -47.53 -8.34 34.84
N GLU C 88 -48.36 -8.92 35.71
CA GLU C 88 -48.73 -8.27 36.95
C GLU C 88 -47.79 -8.59 38.10
N LEU C 89 -47.18 -9.79 38.08
CA LEU C 89 -46.33 -10.20 39.20
C LEU C 89 -45.26 -9.16 39.52
N ASN C 90 -44.48 -8.76 38.52
CA ASN C 90 -43.37 -7.83 38.71
C ASN C 90 -43.36 -6.77 37.61
N LYS C 91 -44.50 -6.13 37.38
CA LYS C 91 -44.53 -4.99 36.45
C LYS C 91 -43.62 -3.87 36.92
N GLU C 92 -43.58 -3.60 38.23
CA GLU C 92 -42.73 -2.53 38.75
C GLU C 92 -41.25 -2.90 38.71
N LYS C 93 -40.93 -4.14 39.09
CA LYS C 93 -39.54 -4.59 39.00
C LYS C 93 -39.04 -4.57 37.56
N MET C 94 -39.92 -4.90 36.60
CA MET C 94 -39.56 -4.76 35.19
C MET C 94 -39.44 -3.29 34.79
N LYS C 95 -40.23 -2.42 35.41
CA LYS C 95 -40.09 -0.99 35.15
C LYS C 95 -38.75 -0.46 35.66
N GLU C 96 -38.19 -1.09 36.70
CA GLU C 96 -36.90 -0.66 37.23
C GLU C 96 -35.78 -0.84 36.20
N ASN C 97 -35.78 -1.97 35.49
CA ASN C 97 -34.69 -2.31 34.60
C ASN C 97 -35.06 -2.19 33.12
N LEU C 98 -36.03 -1.31 32.82
CA LEU C 98 -36.33 -0.80 31.48
C LEU C 98 -36.98 -1.81 30.56
N ASP C 99 -37.25 -3.03 31.00
CA ASP C 99 -37.99 -3.97 30.14
C ASP C 99 -39.42 -3.51 29.94
N TYR C 100 -40.15 -3.32 31.03
CA TYR C 100 -41.54 -2.90 30.98
C TYR C 100 -41.79 -1.73 31.91
#